data_5XAV
#
_entry.id   5XAV
#
_cell.length_a   117.332
_cell.length_b   117.332
_cell.length_c   105.911
_cell.angle_alpha   90.00
_cell.angle_beta   90.00
_cell.angle_gamma   120.00
#
_symmetry.space_group_name_H-M   'P 61'
#
loop_
_entity.id
_entity.type
_entity.pdbx_description
1 polymer 'Intracellular polyhydroxyalkanoate synthase'
2 water water
#
_entity_poly.entity_id   1
_entity_poly.type   'polypeptide(L)'
_entity_poly.pdbx_seq_one_letter_code
;GPFQIGKNLVVTPGEVVFRNELIELIQYTPTTEKVHEKPLLFVPPCINKYYLMDLQPDNSMVRHFVGQGYRVFLVSWRSA
VPEMKNFTWETYIEKGVFAAAEAVQKITKQPTMNALGFCVGGVILTTALCVAQAKGLKYFDSATFMTSLIDHAEPGEISF
FIDEALVASREAKMAAGGIISGKEIGRTFASLRANDLVWNYVVNNYLLGKTPAPFDLLYWNNDAVDLPLPMHTFMLRQFY
INNALITPGAITLCGVPIDISKIDIPVYMFAAREDHIVLWSSAYSGLKYLSGTPSRRFVLGASGHIAGSINPVTKDKRNY
WTNEQLPVNPEEWLEGAQSHPGSWWKDWDAWLAPQSGKQVPAPKMLGSKEFPPLQPAPGSYVLAKAMPPVAAALN
;
_entity_poly.pdbx_strand_id   A,B
#
# COMPACT_ATOMS: atom_id res chain seq x y z
N PRO A 2 10.28 25.76 -3.47
CA PRO A 2 9.44 24.62 -3.13
C PRO A 2 7.93 24.95 -3.15
N PHE A 3 7.12 24.10 -2.58
CA PHE A 3 5.68 24.32 -2.55
C PHE A 3 5.32 25.38 -1.49
N GLN A 4 4.49 26.35 -1.89
CA GLN A 4 3.86 27.30 -0.96
C GLN A 4 2.38 27.16 -1.14
N ILE A 5 1.71 26.58 -0.18
CA ILE A 5 0.25 26.35 -0.25
C ILE A 5 -0.41 27.72 -0.38
N GLY A 6 -1.30 27.81 -1.37
CA GLY A 6 -1.98 29.01 -1.70
C GLY A 6 -1.32 29.86 -2.75
N LYS A 7 -0.04 29.56 -3.06
CA LYS A 7 0.73 30.31 -4.02
C LYS A 7 1.07 29.57 -5.30
N ASN A 8 1.61 28.36 -5.16
CA ASN A 8 1.86 27.56 -6.33
C ASN A 8 1.27 26.16 -6.23
N LEU A 9 0.35 26.02 -5.28
CA LEU A 9 -0.45 24.83 -5.08
C LEU A 9 -1.68 25.32 -4.30
N VAL A 10 -2.82 24.64 -4.49
CA VAL A 10 -4.04 25.02 -3.77
C VAL A 10 -4.42 26.48 -4.05
N VAL A 11 -4.47 26.82 -5.31
CA VAL A 11 -4.69 28.18 -5.76
C VAL A 11 -6.04 28.58 -6.32
N THR A 12 -7.05 27.73 -6.19
CA THR A 12 -8.35 28.08 -6.71
C THR A 12 -8.82 29.30 -5.89
N PRO A 13 -9.15 30.41 -6.64
CA PRO A 13 -9.51 31.61 -5.89
C PRO A 13 -10.83 31.58 -5.13
N GLY A 14 -10.83 32.19 -3.97
CA GLY A 14 -12.01 32.29 -3.15
C GLY A 14 -11.71 32.96 -1.83
N GLU A 15 -12.57 32.84 -0.82
CA GLU A 15 -12.43 33.48 0.46
C GLU A 15 -12.94 32.54 1.51
N VAL A 16 -12.28 32.55 2.66
CA VAL A 16 -12.86 32.02 3.90
C VAL A 16 -14.02 32.93 4.26
N VAL A 17 -15.19 32.34 4.42
CA VAL A 17 -16.42 33.09 4.70
C VAL A 17 -17.06 32.73 6.04
N PHE A 18 -16.47 31.76 6.71
CA PHE A 18 -16.96 31.33 8.03
C PHE A 18 -15.83 30.62 8.73
N ARG A 19 -15.68 30.84 10.04
CA ARG A 19 -14.70 30.13 10.82
C ARG A 19 -15.27 29.83 12.21
N ASN A 20 -15.08 28.61 12.69
CA ASN A 20 -15.33 28.30 14.07
C ASN A 20 -14.20 27.49 14.64
N GLU A 21 -14.39 26.82 15.75
CA GLU A 21 -13.33 26.13 16.44
C GLU A 21 -12.85 24.88 15.71
N LEU A 22 -13.57 24.47 14.68
CA LEU A 22 -13.25 23.24 13.93
C LEU A 22 -13.00 23.42 12.45
N ILE A 23 -13.65 24.43 11.85
CA ILE A 23 -13.58 24.59 10.39
C ILE A 23 -13.37 26.00 9.92
N GLU A 24 -12.79 26.11 8.72
CA GLU A 24 -12.97 27.26 7.86
C GLU A 24 -13.78 26.84 6.68
N LEU A 25 -14.80 27.60 6.32
CA LEU A 25 -15.57 27.35 5.15
C LEU A 25 -15.08 28.23 4.06
N ILE A 26 -14.66 27.63 2.96
CA ILE A 26 -14.13 28.35 1.80
C ILE A 26 -15.25 28.45 0.78
N GLN A 27 -15.47 29.65 0.26
CA GLN A 27 -16.36 29.88 -0.86
C GLN A 27 -15.52 30.24 -2.06
N TYR A 28 -15.71 29.56 -3.18
CA TYR A 28 -14.89 29.85 -4.34
C TYR A 28 -15.50 30.93 -5.25
N THR A 29 -14.61 31.76 -5.82
CA THR A 29 -15.02 32.80 -6.72
C THR A 29 -15.57 32.21 -8.01
N PRO A 30 -16.72 32.69 -8.52
CA PRO A 30 -17.25 32.12 -9.77
C PRO A 30 -16.32 32.40 -10.94
N THR A 31 -16.35 31.50 -11.95
CA THR A 31 -15.61 31.65 -13.20
C THR A 31 -16.54 31.54 -14.39
N THR A 32 -17.86 31.61 -14.15
CA THR A 32 -18.88 31.55 -15.16
C THR A 32 -19.84 32.72 -14.95
N GLU A 33 -20.50 33.17 -16.01
CA GLU A 33 -21.43 34.28 -15.91
C GLU A 33 -22.70 33.91 -15.14
N LYS A 34 -23.13 32.67 -15.34
CA LYS A 34 -24.28 32.09 -14.65
C LYS A 34 -23.83 30.88 -13.86
N VAL A 35 -24.56 30.58 -12.80
CA VAL A 35 -24.31 29.41 -12.00
C VAL A 35 -25.57 28.61 -11.77
N HIS A 36 -25.43 27.32 -11.49
CA HIS A 36 -26.53 26.56 -10.95
C HIS A 36 -26.92 27.17 -9.60
N GLU A 37 -28.19 27.35 -9.32
CA GLU A 37 -28.59 28.03 -8.13
C GLU A 37 -28.28 27.31 -6.83
N LYS A 38 -28.41 26.00 -6.86
CA LYS A 38 -28.33 25.19 -5.64
C LYS A 38 -26.86 24.85 -5.31
N PRO A 39 -26.38 25.29 -4.14
CA PRO A 39 -24.94 25.12 -3.82
C PRO A 39 -24.52 23.68 -3.66
N LEU A 40 -23.21 23.50 -3.71
CA LEU A 40 -22.49 22.23 -3.64
C LEU A 40 -21.46 22.30 -2.54
N LEU A 41 -21.65 21.49 -1.49
CA LEU A 41 -20.77 21.47 -0.33
C LEU A 41 -19.82 20.28 -0.37
N PHE A 42 -18.52 20.57 -0.38
CA PHE A 42 -17.47 19.56 -0.29
C PHE A 42 -17.09 19.34 1.17
N VAL A 43 -17.12 18.06 1.60
CA VAL A 43 -16.73 17.61 2.91
C VAL A 43 -15.51 16.68 2.72
N PRO A 44 -14.31 17.26 2.74
CA PRO A 44 -13.10 16.47 2.54
C PRO A 44 -12.81 15.62 3.81
N PRO A 45 -11.84 14.73 3.72
CA PRO A 45 -11.45 14.07 4.93
C PRO A 45 -10.69 14.97 5.87
N CYS A 46 -10.62 14.60 7.15
CA CYS A 46 -9.88 15.34 8.19
C CYS A 46 -8.63 14.56 8.58
N ILE A 47 -8.31 13.56 7.76
CA ILE A 47 -6.99 12.90 7.76
C ILE A 47 -6.25 13.44 6.54
N ASN A 48 -5.00 13.89 6.66
CA ASN A 48 -4.39 14.69 5.66
C ASN A 48 -5.19 15.96 5.38
N LYS A 49 -4.74 16.76 4.45
CA LYS A 49 -5.30 18.05 4.18
C LYS A 49 -6.23 17.90 2.96
N TYR A 50 -7.22 18.77 2.90
CA TYR A 50 -8.23 18.70 1.88
C TYR A 50 -7.68 18.80 0.47
N TYR A 51 -6.47 19.38 0.30
CA TYR A 51 -6.05 19.91 -0.93
C TYR A 51 -5.64 18.87 -1.98
N LEU A 52 -5.72 17.62 -1.61
CA LEU A 52 -5.78 16.60 -2.65
C LEU A 52 -6.86 16.91 -3.68
N MET A 53 -7.94 17.61 -3.25
CA MET A 53 -9.03 18.04 -4.11
C MET A 53 -8.78 19.38 -4.80
N ASP A 54 -7.65 20.01 -4.50
CA ASP A 54 -7.27 21.27 -5.13
C ASP A 54 -5.77 21.37 -5.27
N LEU A 55 -5.15 20.54 -6.09
CA LEU A 55 -3.71 20.57 -6.25
C LEU A 55 -3.25 21.66 -7.19
N GLN A 56 -3.08 21.35 -8.43
CA GLN A 56 -2.77 22.34 -9.45
C GLN A 56 -4.05 22.71 -10.16
N PRO A 57 -4.05 23.79 -10.93
CA PRO A 57 -5.25 24.08 -11.69
C PRO A 57 -5.66 22.95 -12.61
N ASP A 58 -4.73 22.29 -13.26
CA ASP A 58 -5.13 21.24 -14.24
C ASP A 58 -5.80 20.07 -13.61
N ASN A 59 -5.43 19.73 -12.35
CA ASN A 59 -5.98 18.54 -11.70
C ASN A 59 -6.88 18.83 -10.53
N SER A 60 -7.21 20.13 -10.32
CA SER A 60 -8.08 20.55 -9.25
C SER A 60 -9.52 20.15 -9.42
N MET A 61 -10.07 19.42 -8.45
CA MET A 61 -11.48 19.04 -8.51
C MET A 61 -12.36 20.27 -8.26
N VAL A 62 -12.03 21.08 -7.25
CA VAL A 62 -12.83 22.26 -6.93
C VAL A 62 -12.86 23.19 -8.15
N ARG A 63 -11.72 23.41 -8.77
CA ARG A 63 -11.65 24.35 -9.89
C ARG A 63 -12.57 23.85 -10.99
N HIS A 64 -12.51 22.55 -11.28
CA HIS A 64 -13.36 21.98 -12.35
C HIS A 64 -14.85 22.26 -12.06
N PHE A 65 -15.28 21.95 -10.84
CA PHE A 65 -16.71 22.09 -10.53
C PHE A 65 -17.16 23.54 -10.47
N VAL A 66 -16.32 24.47 -9.99
CA VAL A 66 -16.67 25.87 -10.08
C VAL A 66 -16.82 26.23 -11.58
N GLY A 67 -15.92 25.71 -12.41
CA GLY A 67 -15.96 26.01 -13.84
C GLY A 67 -17.15 25.41 -14.58
N GLN A 68 -17.80 24.39 -13.98
CA GLN A 68 -19.01 23.81 -14.49
C GLN A 68 -20.25 24.59 -14.03
N GLY A 69 -20.05 25.66 -13.26
CA GLY A 69 -21.14 26.48 -12.79
C GLY A 69 -21.67 26.20 -11.42
N TYR A 70 -21.00 25.36 -10.65
CA TYR A 70 -21.48 25.08 -9.31
C TYR A 70 -20.99 26.13 -8.30
N ARG A 71 -21.82 26.43 -7.35
CA ARG A 71 -21.54 27.33 -6.26
C ARG A 71 -20.88 26.46 -5.17
N VAL A 72 -19.56 26.36 -5.22
CA VAL A 72 -18.82 25.42 -4.43
C VAL A 72 -18.41 26.06 -3.10
N PHE A 73 -18.70 25.35 -2.03
CA PHE A 73 -18.19 25.66 -0.70
C PHE A 73 -17.44 24.44 -0.20
N LEU A 74 -16.38 24.64 0.55
CA LEU A 74 -15.53 23.51 0.99
C LEU A 74 -15.14 23.65 2.45
N VAL A 75 -15.25 22.56 3.21
CA VAL A 75 -14.85 22.50 4.59
C VAL A 75 -13.35 22.25 4.71
N SER A 76 -12.64 23.17 5.37
CA SER A 76 -11.23 23.01 5.67
C SER A 76 -11.08 22.77 7.13
N TRP A 77 -10.69 21.53 7.49
CA TRP A 77 -10.66 21.11 8.90
C TRP A 77 -9.44 21.63 9.66
N ARG A 78 -9.66 22.01 10.90
CA ARG A 78 -8.58 22.46 11.78
C ARG A 78 -7.80 21.24 12.30
N SER A 79 -6.48 21.24 12.10
CA SER A 79 -5.63 20.22 12.68
C SER A 79 -5.66 20.30 14.20
N ALA A 80 -5.86 19.15 14.89
CA ALA A 80 -6.15 19.20 16.32
C ALA A 80 -5.03 19.82 17.14
N VAL A 81 -5.41 20.71 18.03
CA VAL A 81 -4.54 21.36 18.99
C VAL A 81 -5.19 21.17 20.39
N PRO A 82 -4.47 21.52 21.46
CA PRO A 82 -4.98 21.16 22.78
C PRO A 82 -6.39 21.64 23.11
N GLU A 83 -6.78 22.81 22.65
CA GLU A 83 -8.13 23.24 22.97
C GLU A 83 -9.22 22.39 22.33
N MET A 84 -8.82 21.50 21.41
CA MET A 84 -9.72 20.57 20.76
C MET A 84 -9.63 19.15 21.31
N LYS A 85 -8.93 18.97 22.42
CA LYS A 85 -8.60 17.64 22.89
C LYS A 85 -9.81 16.80 23.31
N ASN A 86 -10.94 17.45 23.57
CA ASN A 86 -12.15 16.74 23.95
C ASN A 86 -13.15 16.58 22.82
N PHE A 87 -12.79 17.04 21.61
CA PHE A 87 -13.71 16.96 20.50
C PHE A 87 -14.02 15.49 20.15
N THR A 88 -15.26 15.24 19.80
CA THR A 88 -15.75 13.94 19.51
C THR A 88 -16.24 13.81 18.07
N TRP A 89 -16.63 12.59 17.68
CA TRP A 89 -17.24 12.41 16.36
C TRP A 89 -18.46 13.35 16.21
N GLU A 90 -19.25 13.48 17.26
CA GLU A 90 -20.38 14.37 17.24
C GLU A 90 -19.96 15.83 16.95
N THR A 91 -18.82 16.25 17.46
CA THR A 91 -18.37 17.59 17.20
C THR A 91 -18.19 17.78 15.68
N TYR A 92 -17.66 16.76 14.99
CA TYR A 92 -17.46 16.85 13.54
C TYR A 92 -18.78 16.96 12.77
N ILE A 93 -19.83 16.36 13.28
CA ILE A 93 -21.17 16.51 12.70
C ILE A 93 -21.68 17.93 12.97
N GLU A 94 -21.66 18.37 14.21
CA GLU A 94 -22.28 19.64 14.62
C GLU A 94 -21.52 20.87 14.23
N LYS A 95 -20.23 20.92 14.59
CA LYS A 95 -19.37 22.06 14.31
C LYS A 95 -18.76 22.00 12.95
N GLY A 96 -18.84 20.84 12.29
CA GLY A 96 -18.28 20.67 10.96
C GLY A 96 -19.39 20.71 9.91
N VAL A 97 -20.05 19.58 9.68
CA VAL A 97 -20.99 19.48 8.60
C VAL A 97 -22.17 20.44 8.79
N PHE A 98 -22.84 20.40 9.93
CA PHE A 98 -24.02 21.25 10.11
C PHE A 98 -23.68 22.74 10.16
N ALA A 99 -22.57 23.11 10.83
CA ALA A 99 -22.17 24.50 10.86
C ALA A 99 -21.93 25.02 9.44
N ALA A 100 -21.24 24.20 8.65
CA ALA A 100 -21.01 24.53 7.27
C ALA A 100 -22.31 24.74 6.49
N ALA A 101 -23.22 23.79 6.62
CA ALA A 101 -24.52 23.82 5.93
C ALA A 101 -25.33 25.07 6.32
N GLU A 102 -25.34 25.39 7.61
CA GLU A 102 -26.00 26.60 8.10
C GLU A 102 -25.43 27.83 7.44
N ALA A 103 -24.10 27.95 7.38
CA ALA A 103 -23.45 29.12 6.80
C ALA A 103 -23.80 29.19 5.29
N VAL A 104 -23.82 28.04 4.59
CA VAL A 104 -24.19 28.04 3.20
C VAL A 104 -25.63 28.54 3.01
N GLN A 105 -26.56 28.08 3.82
CA GLN A 105 -27.93 28.53 3.74
C GLN A 105 -28.02 30.06 3.96
N LYS A 106 -27.28 30.56 4.96
CA LYS A 106 -27.33 31.98 5.27
C LYS A 106 -26.75 32.86 4.19
N ILE A 107 -25.63 32.41 3.65
CA ILE A 107 -24.95 33.20 2.61
C ILE A 107 -25.72 33.21 1.30
N THR A 108 -26.15 32.02 0.86
CA THR A 108 -26.81 31.89 -0.44
C THR A 108 -28.28 32.16 -0.44
N LYS A 109 -28.91 32.10 0.72
CA LYS A 109 -30.38 32.17 0.86
C LYS A 109 -31.10 31.05 0.20
N GLN A 110 -30.37 29.94 -0.06
CA GLN A 110 -30.98 28.74 -0.60
C GLN A 110 -31.26 27.78 0.56
N PRO A 111 -32.39 27.12 0.52
CA PRO A 111 -32.72 26.25 1.67
C PRO A 111 -31.97 24.96 1.76
N THR A 112 -31.44 24.49 0.63
CA THR A 112 -30.78 23.21 0.59
C THR A 112 -29.53 23.24 -0.29
N MET A 113 -28.73 22.20 -0.20
CA MET A 113 -27.54 22.05 -1.00
C MET A 113 -27.32 20.59 -1.34
N ASN A 114 -26.46 20.33 -2.30
CA ASN A 114 -25.97 18.99 -2.56
C ASN A 114 -24.65 18.81 -1.83
N ALA A 115 -24.39 17.62 -1.31
CA ALA A 115 -23.17 17.38 -0.54
C ALA A 115 -22.33 16.27 -1.13
N LEU A 116 -21.02 16.43 -1.01
CA LEU A 116 -20.01 15.44 -1.38
C LEU A 116 -19.14 15.17 -0.19
N GLY A 117 -18.96 13.90 0.13
CA GLY A 117 -18.03 13.51 1.18
C GLY A 117 -16.99 12.54 0.64
N PHE A 118 -15.71 12.83 0.89
CA PHE A 118 -14.58 12.08 0.36
C PHE A 118 -13.86 11.40 1.52
N CYS A 119 -13.63 10.09 1.39
CA CYS A 119 -12.86 9.33 2.37
C CYS A 119 -13.56 9.44 3.74
N VAL A 120 -12.85 9.72 4.83
CA VAL A 120 -13.52 9.80 6.12
C VAL A 120 -14.57 10.92 6.12
N GLY A 121 -14.41 11.94 5.27
CA GLY A 121 -15.44 12.98 5.16
C GLY A 121 -16.79 12.36 4.73
N GLY A 122 -16.74 11.31 3.91
CA GLY A 122 -17.94 10.56 3.52
C GLY A 122 -18.59 9.86 4.66
N VAL A 123 -17.81 9.33 5.59
CA VAL A 123 -18.35 8.66 6.75
C VAL A 123 -18.97 9.68 7.71
N ILE A 124 -18.30 10.81 7.93
CA ILE A 124 -18.89 11.90 8.71
C ILE A 124 -20.20 12.34 8.09
N LEU A 125 -20.19 12.56 6.78
CA LEU A 125 -21.41 12.95 6.06
C LEU A 125 -22.51 11.93 6.23
N THR A 126 -22.20 10.66 6.10
CA THR A 126 -23.18 9.63 6.26
C THR A 126 -23.88 9.69 7.62
N THR A 127 -23.07 9.85 8.68
CA THR A 127 -23.65 9.98 10.00
C THR A 127 -24.47 11.26 10.18
N ALA A 128 -23.99 12.36 9.59
CA ALA A 128 -24.69 13.62 9.62
C ALA A 128 -26.07 13.50 8.96
N LEU A 129 -26.14 12.75 7.85
CA LEU A 129 -27.40 12.54 7.15
C LEU A 129 -28.43 11.87 8.02
N CYS A 130 -27.98 10.88 8.79
CA CYS A 130 -28.87 10.17 9.69
C CYS A 130 -29.41 11.08 10.79
N VAL A 131 -28.53 11.85 11.40
CA VAL A 131 -28.94 12.79 12.42
C VAL A 131 -29.95 13.79 11.83
N ALA A 132 -29.63 14.34 10.67
CA ALA A 132 -30.51 15.34 10.03
C ALA A 132 -31.87 14.77 9.73
N GLN A 133 -31.89 13.57 9.19
CA GLN A 133 -33.18 12.92 8.86
C GLN A 133 -34.03 12.76 10.11
N ALA A 134 -33.43 12.32 11.20
CA ALA A 134 -34.17 12.00 12.37
C ALA A 134 -34.74 13.26 13.06
N LYS A 135 -34.04 14.39 12.88
CA LYS A 135 -34.45 15.64 13.46
C LYS A 135 -35.23 16.53 12.51
N GLY A 136 -35.49 16.06 11.28
CA GLY A 136 -36.25 16.85 10.33
C GLY A 136 -35.48 18.04 9.80
N LEU A 137 -34.16 17.98 9.73
CA LEU A 137 -33.37 19.11 9.29
C LEU A 137 -33.05 18.83 7.83
N LYS A 138 -33.54 19.64 7.04
CA LYS A 138 -33.39 19.46 5.59
C LYS A 138 -32.29 20.35 5.06
N TYR A 139 -31.06 19.94 5.25
CA TYR A 139 -29.92 20.60 4.64
C TYR A 139 -29.64 20.15 3.25
N PHE A 140 -29.81 18.87 2.97
CA PHE A 140 -29.24 18.25 1.79
C PHE A 140 -30.29 17.61 0.88
N ASP A 141 -30.17 17.92 -0.43
CA ASP A 141 -31.05 17.31 -1.41
C ASP A 141 -30.50 16.07 -2.05
N SER A 142 -29.21 15.83 -1.89
CA SER A 142 -28.54 14.61 -2.38
C SER A 142 -27.22 14.49 -1.65
N ALA A 143 -26.65 13.28 -1.70
CA ALA A 143 -25.35 13.03 -1.08
C ALA A 143 -24.54 12.16 -1.98
N THR A 144 -23.24 12.48 -2.05
CA THR A 144 -22.29 11.76 -2.84
C THR A 144 -21.18 11.26 -1.92
N PHE A 145 -20.89 9.97 -2.00
CA PHE A 145 -19.87 9.33 -1.23
C PHE A 145 -18.73 8.91 -2.15
N MET A 146 -17.58 9.55 -1.99
CA MET A 146 -16.46 9.40 -2.84
C MET A 146 -15.40 8.60 -2.10
N THR A 147 -15.13 7.38 -2.56
CA THR A 147 -14.21 6.47 -1.89
C THR A 147 -14.35 6.46 -0.37
N SER A 148 -15.53 6.17 0.12
CA SER A 148 -15.81 6.12 1.56
C SER A 148 -16.60 4.84 1.90
N LEU A 149 -16.36 4.33 3.10
CA LEU A 149 -17.05 3.13 3.56
C LEU A 149 -18.30 3.43 4.34
N ILE A 150 -19.27 2.53 4.26
CA ILE A 150 -20.40 2.49 5.16
C ILE A 150 -20.28 1.16 5.89
N ASP A 151 -20.31 0.06 5.10
CA ASP A 151 -20.00 -1.27 5.60
C ASP A 151 -18.47 -1.36 5.68
N HIS A 152 -17.97 -1.46 6.91
CA HIS A 152 -16.54 -1.55 7.19
C HIS A 152 -16.10 -2.98 7.47
N ALA A 153 -16.90 -3.96 7.02
CA ALA A 153 -16.53 -5.37 7.25
C ALA A 153 -15.19 -5.75 6.64
N GLU A 154 -14.90 -5.17 5.47
CA GLU A 154 -13.65 -5.42 4.74
C GLU A 154 -12.90 -4.16 4.47
N PRO A 155 -12.24 -3.63 5.47
CA PRO A 155 -11.63 -2.31 5.37
C PRO A 155 -10.26 -2.33 4.73
N GLY A 156 -9.82 -3.51 4.27
CA GLY A 156 -8.50 -3.66 3.70
C GLY A 156 -7.46 -3.94 4.78
N GLU A 157 -6.21 -3.70 4.44
CA GLU A 157 -5.12 -4.13 5.29
C GLU A 157 -5.04 -3.40 6.65
N ILE A 158 -5.73 -2.28 6.82
CA ILE A 158 -5.82 -1.62 8.09
C ILE A 158 -6.26 -2.57 9.20
N SER A 159 -7.10 -3.55 8.84
CA SER A 159 -7.63 -4.47 9.83
C SER A 159 -6.52 -5.15 10.63
N PHE A 160 -5.38 -5.40 9.99
CA PHE A 160 -4.28 -6.12 10.61
C PHE A 160 -3.47 -5.23 11.54
N PHE A 161 -3.58 -3.94 11.41
CA PHE A 161 -2.71 -3.00 12.13
C PHE A 161 -3.38 -2.08 13.13
N ILE A 162 -4.66 -2.29 13.38
CA ILE A 162 -5.33 -1.62 14.49
C ILE A 162 -5.00 -2.36 15.77
N ASP A 163 -4.45 -1.62 16.75
CA ASP A 163 -4.07 -2.15 18.07
C ASP A 163 -5.30 -1.99 19.01
N GLU A 164 -6.06 -3.08 19.18
CA GLU A 164 -7.31 -3.06 19.95
C GLU A 164 -7.00 -2.71 21.41
N ALA A 165 -5.88 -3.18 21.93
CA ALA A 165 -5.53 -2.84 23.28
C ALA A 165 -5.28 -1.37 23.48
N LEU A 166 -4.68 -0.75 22.50
CA LEU A 166 -4.45 0.71 22.57
C LEU A 166 -5.77 1.49 22.48
N VAL A 167 -6.67 1.04 21.60
CA VAL A 167 -7.99 1.64 21.56
C VAL A 167 -8.72 1.51 22.93
N ALA A 168 -8.64 0.34 23.56
CA ALA A 168 -9.30 0.15 24.82
C ALA A 168 -8.68 0.99 25.91
N SER A 169 -7.36 1.11 25.87
CA SER A 169 -6.61 1.97 26.85
C SER A 169 -7.12 3.44 26.79
N ARG A 170 -7.29 3.90 25.56
CA ARG A 170 -7.77 5.29 25.32
C ARG A 170 -9.20 5.45 25.74
N GLU A 171 -10.01 4.42 25.57
CA GLU A 171 -11.39 4.50 26.00
C GLU A 171 -11.53 4.63 27.50
N ALA A 172 -10.62 3.99 28.21
CA ALA A 172 -10.58 3.99 29.65
C ALA A 172 -10.33 5.37 30.15
N LYS A 173 -9.57 6.15 29.42
CA LYS A 173 -9.21 7.51 29.80
C LYS A 173 -9.75 8.61 28.88
N MET A 174 -10.89 8.37 28.32
CA MET A 174 -11.54 9.20 27.38
C MET A 174 -11.97 10.61 27.79
N ALA A 175 -12.38 10.72 29.01
CA ALA A 175 -12.89 12.00 29.49
C ALA A 175 -11.78 13.06 29.56
N ALA A 176 -10.53 12.63 29.70
CA ALA A 176 -9.38 13.53 29.69
C ALA A 176 -9.03 14.04 28.30
N GLY A 177 -9.53 13.33 27.30
CA GLY A 177 -9.25 13.71 25.93
C GLY A 177 -7.78 13.57 25.56
N GLY A 178 -7.39 14.13 24.43
CA GLY A 178 -6.03 14.05 23.97
C GLY A 178 -5.93 14.34 22.51
N ILE A 179 -4.73 14.20 22.00
CA ILE A 179 -4.37 14.48 20.59
C ILE A 179 -3.66 13.26 20.02
N ILE A 180 -4.18 12.77 18.88
CA ILE A 180 -3.57 11.71 18.09
C ILE A 180 -2.70 12.35 16.99
N SER A 181 -1.41 11.97 16.96
CA SER A 181 -0.48 12.58 16.05
C SER A 181 -0.72 12.15 14.60
N GLY A 182 -0.47 13.06 13.66
CA GLY A 182 -0.46 12.71 12.29
C GLY A 182 0.46 11.56 11.94
N LYS A 183 1.55 11.42 12.68
CA LYS A 183 2.47 10.33 12.44
C LYS A 183 1.79 8.98 12.71
N GLU A 184 1.12 8.92 13.86
CA GLU A 184 0.39 7.71 14.24
C GLU A 184 -0.71 7.45 13.21
N ILE A 185 -1.47 8.49 12.91
CA ILE A 185 -2.57 8.32 11.95
C ILE A 185 -2.08 7.78 10.61
N GLY A 186 -0.91 8.26 10.17
CA GLY A 186 -0.33 7.85 8.88
C GLY A 186 0.07 6.41 8.80
N ARG A 187 0.33 5.77 9.93
CA ARG A 187 0.64 4.35 9.90
C ARG A 187 -0.53 3.49 9.51
N THR A 188 -1.74 3.99 9.69
CA THR A 188 -2.95 3.24 9.36
C THR A 188 -3.83 3.83 8.29
N PHE A 189 -3.81 5.16 8.18
CA PHE A 189 -4.72 5.88 7.24
C PHE A 189 -4.06 6.63 6.09
N ALA A 190 -2.82 6.46 5.89
CA ALA A 190 -2.21 7.08 4.71
C ALA A 190 -2.77 6.39 3.42
N SER A 191 -2.84 7.14 2.36
CA SER A 191 -3.55 6.64 1.23
C SER A 191 -2.77 6.73 -0.05
N LEU A 192 -1.52 7.22 0.03
CA LEU A 192 -0.68 7.32 -1.18
C LEU A 192 -0.05 5.98 -1.46
N ARG A 193 -0.02 5.60 -2.75
CA ARG A 193 0.70 4.42 -3.22
C ARG A 193 1.63 4.85 -4.35
N ALA A 194 2.67 4.09 -4.62
CA ALA A 194 3.59 4.40 -5.70
C ALA A 194 2.90 4.57 -7.05
N ASN A 195 1.88 3.74 -7.32
CA ASN A 195 1.19 3.80 -8.59
C ASN A 195 0.38 5.08 -8.79
N ASP A 196 0.16 5.85 -7.72
CA ASP A 196 -0.50 7.16 -7.89
C ASP A 196 0.45 8.23 -8.46
N LEU A 197 1.73 7.96 -8.44
CA LEU A 197 2.74 8.98 -8.85
C LEU A 197 3.06 8.82 -10.32
N VAL A 198 2.70 9.79 -11.13
CA VAL A 198 2.80 9.61 -12.59
C VAL A 198 3.85 10.60 -12.96
N TRP A 199 4.93 10.23 -13.62
CA TRP A 199 5.33 8.87 -14.12
C TRP A 199 4.27 7.94 -14.67
N ALA A 213 5.76 17.99 -10.70
CA ALA A 213 5.04 17.42 -9.63
C ALA A 213 4.43 15.99 -9.90
N PRO A 214 5.09 14.87 -9.43
CA PRO A 214 4.42 13.93 -8.53
C PRO A 214 4.93 14.38 -7.15
N PHE A 215 5.75 15.44 -7.17
CA PHE A 215 6.21 16.07 -5.95
C PHE A 215 5.01 16.64 -5.19
N ASP A 216 3.96 17.09 -5.91
CA ASP A 216 2.72 17.59 -5.26
C ASP A 216 2.11 16.56 -4.34
N LEU A 217 1.99 15.34 -4.83
CA LEU A 217 1.43 14.25 -4.02
C LEU A 217 2.34 13.85 -2.84
N LEU A 218 3.64 13.86 -3.09
CA LEU A 218 4.61 13.56 -2.05
C LEU A 218 4.52 14.60 -0.96
N TYR A 219 4.37 15.85 -1.37
CA TYR A 219 4.22 16.93 -0.40
C TYR A 219 2.94 16.77 0.45
N TRP A 220 1.85 16.50 -0.25
CA TRP A 220 0.55 16.34 0.37
C TRP A 220 0.62 15.19 1.36
N ASN A 221 1.23 14.08 0.96
CA ASN A 221 1.21 12.89 1.78
C ASN A 221 1.93 13.17 3.12
N ASN A 222 3.03 13.94 3.06
CA ASN A 222 3.79 14.24 4.28
C ASN A 222 3.27 15.37 5.09
N ASP A 223 2.24 16.08 4.60
CA ASP A 223 1.72 17.29 5.24
C ASP A 223 0.57 16.84 6.17
N ALA A 224 0.94 16.14 7.21
CA ALA A 224 -0.04 15.46 8.03
C ALA A 224 -0.71 16.39 9.05
N VAL A 225 -1.85 15.96 9.55
CA VAL A 225 -2.63 16.68 10.53
C VAL A 225 -2.96 15.78 11.71
N ASP A 226 -3.25 16.39 12.86
CA ASP A 226 -3.53 15.69 14.08
C ASP A 226 -5.07 15.60 14.29
N LEU A 227 -5.50 14.66 15.10
CA LEU A 227 -6.93 14.46 15.38
C LEU A 227 -7.18 14.44 16.89
N PRO A 228 -8.40 14.83 17.32
CA PRO A 228 -8.75 14.65 18.74
C PRO A 228 -8.83 13.21 19.09
N LEU A 229 -8.39 12.87 20.28
CA LEU A 229 -8.41 11.51 20.73
C LEU A 229 -9.84 10.91 20.81
N PRO A 230 -10.85 11.66 21.34
CA PRO A 230 -12.15 11.01 21.45
C PRO A 230 -12.73 10.65 20.06
N MET A 231 -12.63 11.57 19.13
CA MET A 231 -13.12 11.33 17.78
C MET A 231 -12.43 10.11 17.15
N HIS A 232 -11.08 10.10 17.20
CA HIS A 232 -10.30 9.08 16.55
C HIS A 232 -10.56 7.70 17.18
N THR A 233 -10.65 7.63 18.50
CA THR A 233 -10.84 6.37 19.20
C THR A 233 -12.25 5.82 18.85
N PHE A 234 -13.24 6.68 18.85
CA PHE A 234 -14.59 6.27 18.46
C PHE A 234 -14.61 5.72 17.02
N MET A 235 -13.92 6.41 16.13
CA MET A 235 -13.87 5.96 14.75
C MET A 235 -13.32 4.52 14.63
N LEU A 236 -12.21 4.28 15.33
CA LEU A 236 -11.62 2.94 15.32
C LEU A 236 -12.52 1.90 15.94
N ARG A 237 -13.03 2.18 17.13
CA ARG A 237 -13.88 1.24 17.83
C ARG A 237 -15.16 0.94 17.10
N GLN A 238 -15.85 1.97 16.67
CA GLN A 238 -17.25 1.80 16.21
C GLN A 238 -17.35 1.41 14.77
N PHE A 239 -16.50 1.95 13.89
CA PHE A 239 -16.58 1.65 12.50
C PHE A 239 -15.66 0.49 12.15
N TYR A 240 -14.36 0.62 12.41
CA TYR A 240 -13.39 -0.39 12.01
C TYR A 240 -13.51 -1.69 12.79
N ILE A 241 -13.76 -1.63 14.09
CA ILE A 241 -13.85 -2.83 14.88
C ILE A 241 -15.28 -3.38 14.96
N ASN A 242 -16.24 -2.54 15.32
CA ASN A 242 -17.63 -2.98 15.52
C ASN A 242 -18.48 -2.97 14.25
N ASN A 243 -18.04 -2.24 13.20
CA ASN A 243 -18.85 -2.11 11.98
C ASN A 243 -20.28 -1.67 12.30
N ALA A 244 -20.39 -0.63 13.16
CA ALA A 244 -21.68 -0.26 13.76
C ALA A 244 -22.72 0.19 12.72
N LEU A 245 -22.32 0.76 11.59
CA LEU A 245 -23.30 1.37 10.68
C LEU A 245 -24.21 0.36 10.01
N ILE A 246 -23.84 -0.92 9.99
CA ILE A 246 -24.68 -1.90 9.35
C ILE A 246 -25.76 -2.44 10.27
N THR A 247 -25.73 -1.98 11.54
CA THR A 247 -26.71 -2.45 12.52
C THR A 247 -27.48 -1.23 13.05
N PRO A 248 -28.77 -1.13 12.72
CA PRO A 248 -29.54 0.07 13.21
C PRO A 248 -29.44 0.22 14.70
N GLY A 249 -29.15 1.41 15.14
CA GLY A 249 -29.12 1.75 16.56
C GLY A 249 -27.89 1.26 17.32
N ALA A 250 -26.89 0.72 16.64
CA ALA A 250 -25.68 0.25 17.31
C ALA A 250 -24.86 1.36 17.89
N ILE A 251 -24.91 2.52 17.26
CA ILE A 251 -24.36 3.76 17.84
C ILE A 251 -25.44 4.82 17.94
N THR A 252 -25.23 5.78 18.82
CA THR A 252 -26.06 6.96 18.97
C THR A 252 -25.18 8.17 18.82
N LEU A 253 -25.60 9.14 18.01
CA LEU A 253 -24.91 10.39 17.78
C LEU A 253 -25.88 11.51 17.86
N CYS A 254 -25.55 12.57 18.60
CA CYS A 254 -26.37 13.77 18.62
C CYS A 254 -27.80 13.44 19.08
N GLY A 255 -27.91 12.45 19.97
CA GLY A 255 -29.17 12.00 20.50
C GLY A 255 -29.93 11.00 19.68
N VAL A 256 -29.40 10.69 18.48
CA VAL A 256 -30.07 9.86 17.47
C VAL A 256 -29.48 8.46 17.35
N PRO A 257 -30.24 7.41 17.54
CA PRO A 257 -29.77 6.08 17.13
C PRO A 257 -29.59 5.96 15.63
N ILE A 258 -28.41 5.58 15.21
CA ILE A 258 -28.01 5.72 13.83
C ILE A 258 -28.47 4.53 13.02
N ASP A 259 -29.25 4.81 11.96
CA ASP A 259 -29.86 3.79 11.14
C ASP A 259 -29.76 4.25 9.70
N ILE A 260 -28.82 3.67 8.91
CA ILE A 260 -28.55 4.07 7.55
C ILE A 260 -29.79 3.91 6.62
N SER A 261 -30.69 3.01 6.97
CA SER A 261 -31.88 2.78 6.18
C SER A 261 -32.87 3.92 6.21
N LYS A 262 -32.65 4.90 7.07
CA LYS A 262 -33.50 6.07 7.15
C LYS A 262 -33.11 7.18 6.16
N ILE A 263 -31.87 7.14 5.64
CA ILE A 263 -31.45 8.14 4.70
C ILE A 263 -32.37 8.14 3.50
N ASP A 264 -32.90 9.34 3.13
CA ASP A 264 -34.05 9.40 2.24
C ASP A 264 -33.89 10.36 1.06
N ILE A 265 -32.64 10.62 0.66
CA ILE A 265 -32.32 11.47 -0.46
C ILE A 265 -31.51 10.67 -1.53
N PRO A 266 -31.48 11.13 -2.76
CA PRO A 266 -30.69 10.45 -3.77
C PRO A 266 -29.24 10.37 -3.39
N VAL A 267 -28.63 9.22 -3.69
CA VAL A 267 -27.21 8.99 -3.40
C VAL A 267 -26.44 8.64 -4.65
N TYR A 268 -25.22 9.12 -4.72
CA TYR A 268 -24.24 8.76 -5.74
C TYR A 268 -23.05 8.20 -4.98
N MET A 269 -22.48 7.08 -5.43
CA MET A 269 -21.35 6.47 -4.77
C MET A 269 -20.28 6.18 -5.78
N PHE A 270 -19.07 6.69 -5.54
CA PHE A 270 -17.94 6.49 -6.39
C PHE A 270 -16.90 5.62 -5.69
N ALA A 271 -16.36 4.64 -6.41
CA ALA A 271 -15.22 3.89 -5.97
C ALA A 271 -14.29 3.68 -7.16
N ALA A 272 -13.04 3.33 -6.87
CA ALA A 272 -12.02 3.11 -7.89
C ALA A 272 -11.59 1.65 -7.97
N ARG A 273 -11.55 1.11 -9.16
CA ARG A 273 -11.39 -0.32 -9.35
C ARG A 273 -10.10 -0.86 -8.75
N GLU A 274 -8.98 -0.12 -8.86
CA GLU A 274 -7.71 -0.55 -8.38
C GLU A 274 -7.35 0.07 -7.05
N ASP A 275 -8.36 0.54 -6.32
CA ASP A 275 -8.15 1.18 -5.04
C ASP A 275 -7.77 0.16 -3.98
N HIS A 276 -6.58 0.31 -3.39
CA HIS A 276 -6.11 -0.57 -2.35
C HIS A 276 -6.40 -0.05 -0.96
N ILE A 277 -6.90 1.18 -0.90
CA ILE A 277 -7.20 1.85 0.35
C ILE A 277 -8.67 1.57 0.74
N VAL A 278 -9.58 1.82 -0.19
CA VAL A 278 -11.02 1.58 -0.08
C VAL A 278 -11.38 0.60 -1.19
N LEU A 279 -11.47 -0.68 -0.84
CA LEU A 279 -11.71 -1.69 -1.85
C LEU A 279 -13.10 -1.42 -2.51
N TRP A 280 -13.18 -1.48 -3.85
CA TRP A 280 -14.37 -1.04 -4.50
C TRP A 280 -15.58 -1.87 -4.10
N SER A 281 -15.38 -3.18 -3.92
CA SER A 281 -16.42 -4.08 -3.46
C SER A 281 -16.89 -3.80 -2.06
N SER A 282 -16.02 -3.24 -1.23
CA SER A 282 -16.37 -2.85 0.13
C SER A 282 -17.27 -1.60 0.10
N ALA A 283 -16.93 -0.63 -0.74
CA ALA A 283 -17.81 0.48 -0.95
C ALA A 283 -19.17 0.03 -1.47
N TYR A 284 -19.15 -0.81 -2.48
CA TYR A 284 -20.36 -1.32 -3.12
C TYR A 284 -21.26 -1.98 -2.07
N SER A 285 -20.67 -2.71 -1.13
CA SER A 285 -21.41 -3.38 -0.12
C SER A 285 -22.33 -2.51 0.73
N GLY A 286 -22.02 -1.21 0.81
CA GLY A 286 -22.82 -0.27 1.56
C GLY A 286 -24.19 0.00 0.93
N LEU A 287 -24.28 -0.18 -0.40
CA LEU A 287 -25.47 0.22 -1.11
C LEU A 287 -26.72 -0.43 -0.59
N LYS A 288 -26.65 -1.72 -0.27
CA LYS A 288 -27.84 -2.46 0.14
C LYS A 288 -28.44 -1.91 1.45
N TYR A 289 -27.60 -1.22 2.23
CA TYR A 289 -28.04 -0.65 3.52
C TYR A 289 -28.79 0.65 3.37
N LEU A 290 -28.62 1.29 2.20
CA LEU A 290 -29.25 2.58 1.91
C LEU A 290 -30.67 2.33 1.32
N SER A 291 -31.49 1.57 2.01
CA SER A 291 -32.74 1.08 1.48
C SER A 291 -33.89 2.09 1.59
N GLY A 292 -33.63 3.22 2.22
CA GLY A 292 -34.67 4.29 2.33
C GLY A 292 -34.53 5.37 1.27
N THR A 293 -33.46 5.27 0.43
CA THR A 293 -33.18 6.24 -0.59
C THR A 293 -34.12 6.10 -1.77
N PRO A 294 -34.43 7.22 -2.45
CA PRO A 294 -35.30 7.12 -3.64
C PRO A 294 -34.55 6.58 -4.87
N SER A 295 -33.24 6.76 -4.84
CA SER A 295 -32.34 6.26 -5.89
C SER A 295 -30.91 6.19 -5.40
N ARG A 296 -30.16 5.27 -5.99
CA ARG A 296 -28.78 5.09 -5.76
C ARG A 296 -28.10 4.92 -7.10
N ARG A 297 -26.94 5.53 -7.25
CA ARG A 297 -26.09 5.40 -8.43
C ARG A 297 -24.70 4.99 -7.97
N PHE A 298 -24.14 3.96 -8.57
CA PHE A 298 -22.77 3.51 -8.28
C PHE A 298 -21.95 3.61 -9.52
N VAL A 299 -20.82 4.30 -9.41
CA VAL A 299 -19.94 4.49 -10.56
C VAL A 299 -18.52 4.04 -10.15
N LEU A 300 -17.92 3.23 -11.02
CA LEU A 300 -16.61 2.65 -10.80
C LEU A 300 -15.59 3.31 -11.71
N GLY A 301 -14.60 3.97 -11.13
CA GLY A 301 -13.56 4.57 -11.92
C GLY A 301 -12.40 3.61 -12.12
N ALA A 302 -11.64 3.85 -13.16
CA ALA A 302 -10.44 3.07 -13.41
C ALA A 302 -9.39 3.56 -12.45
N SER A 303 -8.42 2.71 -12.22
CA SER A 303 -7.25 3.03 -11.47
C SER A 303 -7.34 3.02 -9.93
N GLY A 304 -6.25 3.49 -9.35
CA GLY A 304 -6.06 3.48 -7.91
C GLY A 304 -6.74 4.54 -7.11
N HIS A 305 -6.48 4.55 -5.83
CA HIS A 305 -7.21 5.44 -4.95
C HIS A 305 -7.10 6.91 -5.39
N ILE A 306 -5.87 7.41 -5.55
CA ILE A 306 -5.69 8.82 -5.87
C ILE A 306 -5.77 9.05 -7.36
N ALA A 307 -5.08 8.24 -8.16
CA ALA A 307 -5.13 8.42 -9.59
C ALA A 307 -6.56 8.28 -10.15
N GLY A 308 -7.32 7.40 -9.55
CA GLY A 308 -8.71 7.10 -9.97
C GLY A 308 -9.71 8.12 -9.49
N SER A 309 -9.55 8.55 -8.26
CA SER A 309 -10.44 9.54 -7.62
C SER A 309 -10.26 10.93 -8.20
N ILE A 310 -9.00 11.34 -8.21
CA ILE A 310 -8.61 12.63 -8.68
C ILE A 310 -8.16 12.47 -10.12
N ASN A 311 -9.12 12.23 -10.99
CA ASN A 311 -8.90 11.97 -12.39
C ASN A 311 -9.58 13.10 -13.20
N PRO A 312 -8.82 14.12 -13.59
CA PRO A 312 -9.50 15.36 -14.06
C PRO A 312 -10.02 15.28 -15.50
N VAL A 313 -10.98 16.12 -15.80
CA VAL A 313 -11.54 16.25 -17.12
C VAL A 313 -10.62 17.01 -18.06
N THR A 314 -9.77 17.86 -17.52
CA THR A 314 -8.86 18.61 -18.37
C THR A 314 -8.08 17.68 -19.31
N LYS A 315 -7.55 16.61 -18.75
CA LYS A 315 -6.86 15.60 -19.54
C LYS A 315 -7.80 14.49 -20.00
N ASP A 316 -8.80 14.17 -19.18
CA ASP A 316 -9.85 13.20 -19.47
C ASP A 316 -9.30 11.82 -19.85
N LYS A 317 -8.31 11.36 -19.08
CA LYS A 317 -7.70 10.07 -19.28
C LYS A 317 -8.48 8.96 -18.57
N ARG A 318 -8.11 7.73 -18.86
CA ARG A 318 -8.69 6.60 -18.20
C ARG A 318 -10.13 6.33 -18.64
N ASN A 319 -10.94 5.78 -17.75
CA ASN A 319 -12.31 5.42 -18.07
C ASN A 319 -13.11 5.23 -16.79
N TYR A 320 -14.41 5.06 -16.91
CA TYR A 320 -15.25 4.68 -15.81
C TYR A 320 -16.30 3.71 -16.27
N TRP A 321 -17.00 3.06 -15.34
CA TRP A 321 -18.04 2.12 -15.66
C TRP A 321 -19.32 2.51 -14.96
N THR A 322 -20.44 2.27 -15.66
CA THR A 322 -21.74 2.51 -15.13
C THR A 322 -22.64 1.30 -15.33
N ASN A 323 -23.64 1.17 -14.46
CA ASN A 323 -24.65 0.13 -14.55
C ASN A 323 -25.79 0.55 -13.62
N GLU A 324 -26.98 0.80 -14.15
CA GLU A 324 -28.10 1.27 -13.33
C GLU A 324 -28.70 0.21 -12.43
N GLN A 325 -28.46 -1.08 -12.75
CA GLN A 325 -28.90 -2.19 -11.88
C GLN A 325 -27.91 -2.37 -10.78
N LEU A 326 -28.38 -2.64 -9.58
CA LEU A 326 -27.54 -2.81 -8.40
C LEU A 326 -27.77 -4.18 -7.76
N PRO A 327 -27.23 -5.24 -8.41
CA PRO A 327 -27.33 -6.57 -7.80
C PRO A 327 -26.55 -6.67 -6.50
N VAL A 328 -26.85 -7.66 -5.70
CA VAL A 328 -26.13 -7.84 -4.45
C VAL A 328 -24.63 -8.10 -4.69
N ASN A 329 -24.33 -8.87 -5.71
CA ASN A 329 -22.96 -9.28 -6.01
C ASN A 329 -22.29 -8.22 -6.86
N PRO A 330 -21.21 -7.58 -6.34
CA PRO A 330 -20.50 -6.59 -7.13
C PRO A 330 -19.94 -7.16 -8.46
N GLU A 331 -19.57 -8.45 -8.47
CA GLU A 331 -19.04 -9.03 -9.70
C GLU A 331 -20.10 -9.03 -10.78
N GLU A 332 -21.36 -9.16 -10.37
CA GLU A 332 -22.48 -9.12 -11.32
C GLU A 332 -22.72 -7.68 -11.81
N TRP A 333 -22.53 -6.70 -10.91
CA TRP A 333 -22.60 -5.31 -11.33
C TRP A 333 -21.59 -5.03 -12.44
N LEU A 334 -20.36 -5.49 -12.23
CA LEU A 334 -19.30 -5.18 -13.17
C LEU A 334 -19.53 -5.87 -14.50
N GLU A 335 -19.98 -7.11 -14.47
CA GLU A 335 -20.25 -7.89 -15.67
C GLU A 335 -21.29 -7.24 -16.56
N GLY A 336 -22.24 -6.53 -15.96
CA GLY A 336 -23.30 -5.85 -16.69
C GLY A 336 -23.02 -4.39 -17.01
N ALA A 337 -21.83 -3.91 -16.62
CA ALA A 337 -21.50 -2.50 -16.73
C ALA A 337 -21.03 -2.10 -18.10
N GLN A 338 -21.21 -0.83 -18.40
CA GLN A 338 -20.72 -0.23 -19.63
C GLN A 338 -19.52 0.66 -19.29
N SER A 339 -18.45 0.52 -20.05
CA SER A 339 -17.32 1.40 -20.00
C SER A 339 -17.48 2.68 -20.80
N HIS A 340 -17.00 3.77 -20.21
CA HIS A 340 -17.02 5.08 -20.86
C HIS A 340 -15.65 5.70 -20.78
N PRO A 341 -15.16 6.29 -21.88
CA PRO A 341 -13.81 6.94 -21.78
C PRO A 341 -13.81 8.16 -20.90
N GLY A 342 -12.69 8.35 -20.22
CA GLY A 342 -12.39 9.56 -19.52
C GLY A 342 -12.80 9.57 -18.05
N SER A 343 -12.97 10.77 -17.52
CA SER A 343 -13.16 11.06 -16.12
C SER A 343 -14.57 10.88 -15.63
N TRP A 344 -14.72 10.15 -14.54
CA TRP A 344 -16.05 9.97 -13.90
C TRP A 344 -16.65 11.30 -13.41
N TRP A 345 -15.81 12.36 -13.29
CA TRP A 345 -16.32 13.66 -12.90
C TRP A 345 -17.47 14.08 -13.86
N LYS A 346 -17.33 13.72 -15.11
CA LYS A 346 -18.34 14.05 -16.14
C LYS A 346 -19.67 13.43 -15.80
N ASP A 347 -19.64 12.17 -15.40
CA ASP A 347 -20.84 11.49 -14.99
C ASP A 347 -21.46 12.08 -13.74
N TRP A 348 -20.62 12.40 -12.77
CA TRP A 348 -21.12 13.00 -11.55
C TRP A 348 -21.79 14.34 -11.84
N ASP A 349 -21.14 15.15 -12.66
CA ASP A 349 -21.69 16.46 -13.11
C ASP A 349 -23.09 16.22 -13.74
N ALA A 350 -23.21 15.23 -14.63
CA ALA A 350 -24.47 14.97 -15.29
C ALA A 350 -25.57 14.53 -14.30
N TRP A 351 -25.16 13.82 -13.23
CA TRP A 351 -26.09 13.43 -12.18
C TRP A 351 -26.49 14.58 -11.30
N LEU A 352 -25.53 15.42 -10.98
CA LEU A 352 -25.75 16.57 -10.07
C LEU A 352 -26.56 17.67 -10.72
N ALA A 353 -26.28 17.99 -11.98
CA ALA A 353 -26.83 19.18 -12.58
C ALA A 353 -28.34 19.26 -12.53
N PRO A 354 -29.04 18.16 -12.83
CA PRO A 354 -30.52 18.29 -12.76
C PRO A 354 -31.08 18.48 -11.37
N GLN A 355 -30.24 18.24 -10.37
CA GLN A 355 -30.59 18.41 -8.98
C GLN A 355 -30.10 19.75 -8.42
N SER A 356 -29.59 20.61 -9.30
CA SER A 356 -28.92 21.84 -8.88
C SER A 356 -29.67 23.11 -9.19
N GLY A 357 -30.95 23.02 -9.45
CA GLY A 357 -31.72 24.19 -9.70
C GLY A 357 -31.58 24.81 -11.05
N LYS A 358 -32.13 26.02 -11.16
CA LYS A 358 -32.09 26.79 -12.39
C LYS A 358 -30.81 27.59 -12.43
N GLN A 359 -30.46 28.12 -13.62
CA GLN A 359 -29.33 29.08 -13.72
C GLN A 359 -29.74 30.46 -13.21
N VAL A 360 -28.81 31.05 -12.45
CA VAL A 360 -28.95 32.39 -11.97
C VAL A 360 -27.64 33.15 -12.25
N PRO A 361 -27.67 34.50 -12.22
CA PRO A 361 -26.41 35.22 -12.39
C PRO A 361 -25.41 34.86 -11.29
N ALA A 362 -24.15 34.77 -11.63
CA ALA A 362 -23.12 34.53 -10.62
C ALA A 362 -23.16 35.62 -9.57
N PRO A 363 -23.00 35.24 -8.30
CA PRO A 363 -22.92 36.26 -7.28
C PRO A 363 -21.75 37.20 -7.52
N LYS A 364 -21.94 38.46 -7.25
CA LYS A 364 -20.87 39.42 -7.47
C LYS A 364 -19.89 39.60 -6.31
N MET A 365 -20.28 39.09 -5.15
CA MET A 365 -19.50 39.15 -3.96
C MET A 365 -19.38 37.77 -3.36
N LEU A 366 -18.32 37.58 -2.61
CA LEU A 366 -18.16 36.43 -1.74
C LEU A 366 -18.80 36.70 -0.37
N GLY A 367 -19.27 35.64 0.29
CA GLY A 367 -19.88 35.85 1.57
C GLY A 367 -21.18 36.66 1.48
N SER A 368 -21.47 37.37 2.56
CA SER A 368 -22.65 38.17 2.70
C SER A 368 -22.37 39.27 3.75
N LYS A 369 -23.33 40.15 3.99
CA LYS A 369 -23.15 41.14 5.02
C LYS A 369 -22.90 40.48 6.40
N GLU A 370 -23.66 39.42 6.69
CA GLU A 370 -23.51 38.73 7.95
C GLU A 370 -22.25 37.88 8.03
N PHE A 371 -21.77 37.41 6.90
CA PHE A 371 -20.58 36.59 6.76
C PHE A 371 -19.62 37.21 5.75
N PRO A 372 -18.95 38.28 6.14
CA PRO A 372 -18.06 38.95 5.20
C PRO A 372 -16.82 38.08 4.91
N PRO A 373 -16.17 38.26 3.75
CA PRO A 373 -14.94 37.55 3.50
C PRO A 373 -13.92 37.85 4.58
N LEU A 374 -13.30 36.80 5.09
CA LEU A 374 -12.32 36.91 6.20
C LEU A 374 -10.85 36.87 5.76
N GLN A 375 -10.55 36.03 4.81
CA GLN A 375 -9.21 35.88 4.26
C GLN A 375 -9.23 35.11 2.96
N PRO A 376 -8.28 35.37 2.05
CA PRO A 376 -8.31 34.61 0.80
C PRO A 376 -8.15 33.10 1.01
N ALA A 377 -8.83 32.32 0.17
CA ALA A 377 -8.55 30.92 0.05
C ALA A 377 -7.08 30.75 -0.28
N PRO A 378 -6.43 29.73 0.28
CA PRO A 378 -7.02 28.58 0.98
C PRO A 378 -7.14 28.71 2.46
N GLY A 379 -6.98 29.91 2.99
CA GLY A 379 -7.22 30.09 4.42
C GLY A 379 -6.04 29.76 5.31
N SER A 380 -6.28 29.73 6.62
CA SER A 380 -5.26 29.56 7.62
C SER A 380 -5.16 28.13 8.19
N TYR A 381 -6.27 27.41 8.29
CA TYR A 381 -6.23 26.08 8.91
C TYR A 381 -5.43 25.08 8.08
N VAL A 382 -5.48 25.19 6.77
CA VAL A 382 -4.73 24.27 5.90
C VAL A 382 -3.21 24.53 5.95
N LEU A 383 -2.78 25.65 6.50
CA LEU A 383 -1.37 25.96 6.59
C LEU A 383 -0.71 25.41 7.86
N ALA A 384 -1.53 24.93 8.82
CA ALA A 384 -1.00 24.48 10.10
C ALA A 384 -0.08 23.28 9.93
N LYS A 385 0.95 23.22 10.76
CA LYS A 385 1.82 22.05 10.75
C LYS A 385 1.43 21.25 11.93
N ALA A 386 1.54 19.92 11.80
CA ALA A 386 1.27 19.03 12.92
C ALA A 386 2.10 19.37 14.14
N MET A 387 1.55 19.08 15.32
CA MET A 387 2.24 19.36 16.59
C MET A 387 3.57 18.58 16.64
N PRO A 388 4.56 19.13 17.36
CA PRO A 388 5.85 18.44 17.53
C PRO A 388 5.71 17.11 18.23
N PRO A 389 6.71 16.25 18.06
CA PRO A 389 6.62 14.92 18.70
C PRO A 389 6.52 15.02 20.21
N VAL A 390 5.75 14.09 20.80
CA VAL A 390 5.57 14.05 22.25
C VAL A 390 6.30 12.84 22.87
N PRO B 2 19.16 10.96 -12.66
CA PRO B 2 20.07 11.01 -11.55
C PRO B 2 20.46 9.64 -11.08
N PHE B 3 19.66 8.59 -11.31
CA PHE B 3 20.05 7.27 -10.86
C PHE B 3 20.62 6.47 -11.99
N GLN B 4 21.84 5.98 -11.85
CA GLN B 4 22.44 5.19 -12.88
C GLN B 4 22.85 3.91 -12.16
N ILE B 5 22.15 2.84 -12.46
CA ILE B 5 22.39 1.55 -11.84
C ILE B 5 23.78 1.09 -12.16
N GLY B 6 24.56 0.73 -11.15
CA GLY B 6 25.92 0.36 -11.33
C GLY B 6 26.92 1.47 -11.11
N LYS B 7 26.43 2.70 -11.08
CA LYS B 7 27.30 3.87 -11.00
C LYS B 7 27.09 4.72 -9.73
N ASN B 8 25.84 5.01 -9.39
CA ASN B 8 25.58 5.60 -8.09
C ASN B 8 24.54 4.89 -7.27
N LEU B 9 24.20 3.67 -7.64
CA LEU B 9 23.36 2.78 -6.87
C LEU B 9 23.84 1.40 -7.36
N VAL B 10 23.79 0.39 -6.49
CA VAL B 10 24.09 -0.95 -6.89
C VAL B 10 25.59 -1.00 -7.30
N VAL B 11 26.45 -0.50 -6.41
CA VAL B 11 27.85 -0.32 -6.73
C VAL B 11 28.80 -1.25 -5.99
N THR B 12 28.26 -2.30 -5.33
CA THR B 12 29.15 -3.20 -4.62
C THR B 12 30.04 -3.92 -5.68
N PRO B 13 31.35 -3.84 -5.56
CA PRO B 13 32.19 -4.34 -6.65
C PRO B 13 32.18 -5.82 -6.76
N GLY B 14 32.21 -6.29 -8.01
CA GLY B 14 32.27 -7.71 -8.29
C GLY B 14 32.19 -7.99 -9.78
N GLU B 15 31.91 -9.25 -10.15
CA GLU B 15 31.79 -9.66 -11.54
C GLU B 15 30.72 -10.67 -11.74
N VAL B 16 30.05 -10.61 -12.90
CA VAL B 16 29.23 -11.70 -13.35
C VAL B 16 30.16 -12.85 -13.68
N VAL B 17 29.96 -14.02 -13.09
CA VAL B 17 30.84 -15.15 -13.29
C VAL B 17 30.17 -16.36 -13.93
N PHE B 18 28.85 -16.25 -14.17
CA PHE B 18 28.10 -17.29 -14.83
C PHE B 18 26.86 -16.64 -15.40
N ARG B 19 26.44 -17.10 -16.59
CA ARG B 19 25.24 -16.61 -17.23
C ARG B 19 24.55 -17.72 -17.92
N ASN B 20 23.24 -17.86 -17.73
CA ASN B 20 22.43 -18.72 -18.53
C ASN B 20 21.18 -18.01 -18.98
N GLU B 21 20.21 -18.74 -19.49
CA GLU B 21 18.99 -18.13 -20.09
C GLU B 21 18.08 -17.50 -19.03
N LEU B 22 18.38 -17.72 -17.73
CA LEU B 22 17.56 -17.18 -16.65
C LEU B 22 18.30 -16.28 -15.67
N ILE B 23 19.59 -16.52 -15.45
CA ILE B 23 20.34 -15.80 -14.42
C ILE B 23 21.69 -15.29 -14.84
N GLU B 24 22.13 -14.23 -14.19
CA GLU B 24 23.53 -13.89 -14.05
C GLU B 24 23.91 -14.12 -12.61
N LEU B 25 24.97 -14.86 -12.38
CA LEU B 25 25.53 -15.04 -11.03
C LEU B 25 26.61 -14.03 -10.78
N ILE B 26 26.43 -13.20 -9.77
CA ILE B 26 27.39 -12.16 -9.40
C ILE B 26 28.20 -12.68 -8.23
N GLN B 27 29.51 -12.60 -8.36
CA GLN B 27 30.46 -12.85 -7.29
C GLN B 27 31.05 -11.55 -6.84
N TYR B 28 31.01 -11.24 -5.54
CA TYR B 28 31.49 -9.99 -5.05
C TYR B 28 32.96 -10.06 -4.65
N THR B 29 33.66 -8.95 -4.92
CA THR B 29 35.10 -8.81 -4.59
C THR B 29 35.29 -8.78 -3.06
N PRO B 30 36.23 -9.55 -2.52
CA PRO B 30 36.44 -9.49 -1.09
C PRO B 30 36.95 -8.12 -0.64
N THR B 31 36.61 -7.78 0.59
CA THR B 31 37.05 -6.57 1.25
C THR B 31 37.69 -6.88 2.61
N THR B 32 38.01 -8.14 2.85
CA THR B 32 38.65 -8.61 4.07
C THR B 32 39.83 -9.52 3.65
N GLU B 33 40.88 -9.56 4.48
CA GLU B 33 42.02 -10.38 4.18
C GLU B 33 41.72 -11.88 4.23
N LYS B 34 40.88 -12.27 5.18
CA LYS B 34 40.40 -13.61 5.31
C LYS B 34 38.90 -13.63 5.15
N VAL B 35 38.37 -14.78 4.73
CA VAL B 35 36.96 -14.97 4.58
C VAL B 35 36.53 -16.25 5.29
N HIS B 36 35.25 -16.33 5.66
CA HIS B 36 34.65 -17.60 6.04
C HIS B 36 34.69 -18.52 4.80
N GLU B 37 35.11 -19.76 4.97
CA GLU B 37 35.32 -20.64 3.80
C GLU B 37 34.02 -20.97 3.04
N LYS B 38 32.91 -21.16 3.75
CA LYS B 38 31.71 -21.70 3.15
C LYS B 38 30.89 -20.56 2.52
N PRO B 39 30.63 -20.62 1.21
CA PRO B 39 29.98 -19.48 0.55
C PRO B 39 28.57 -19.24 0.96
N LEU B 40 28.07 -18.06 0.61
CA LEU B 40 26.74 -17.58 0.97
C LEU B 40 26.03 -17.15 -0.33
N LEU B 41 24.92 -17.82 -0.65
CA LEU B 41 24.18 -17.57 -1.86
C LEU B 41 22.93 -16.74 -1.57
N PHE B 42 22.78 -15.60 -2.22
CA PHE B 42 21.58 -14.76 -2.14
C PHE B 42 20.66 -15.05 -3.30
N VAL B 43 19.41 -15.40 -2.99
CA VAL B 43 18.34 -15.68 -3.92
C VAL B 43 17.33 -14.58 -3.76
N PRO B 44 17.46 -13.48 -4.55
CA PRO B 44 16.61 -12.27 -4.34
C PRO B 44 15.24 -12.40 -4.91
N PRO B 45 14.40 -11.35 -4.67
CA PRO B 45 13.10 -11.22 -5.23
C PRO B 45 13.16 -11.37 -6.78
N CYS B 46 12.09 -11.89 -7.39
CA CYS B 46 12.02 -11.96 -8.88
C CYS B 46 10.84 -11.10 -9.36
N ILE B 47 9.96 -10.62 -8.44
CA ILE B 47 8.84 -9.78 -8.81
C ILE B 47 9.32 -8.34 -8.96
N ASN B 48 10.44 -8.02 -8.36
CA ASN B 48 11.11 -6.75 -8.52
C ASN B 48 12.59 -7.08 -8.76
N LYS B 49 13.40 -6.10 -9.09
CA LYS B 49 14.83 -6.33 -9.25
C LYS B 49 15.55 -6.53 -7.89
N TYR B 50 16.67 -7.22 -7.95
CA TYR B 50 17.34 -7.62 -6.73
C TYR B 50 17.87 -6.49 -5.87
N TYR B 51 18.09 -5.34 -6.49
CA TYR B 51 18.96 -4.34 -5.88
C TYR B 51 18.41 -3.53 -4.72
N LEU B 52 17.18 -3.81 -4.28
CA LEU B 52 16.80 -3.48 -2.95
C LEU B 52 17.87 -3.98 -1.94
N MET B 53 18.51 -5.10 -2.24
CA MET B 53 19.56 -5.69 -1.39
C MET B 53 20.92 -5.02 -1.57
N ASP B 54 21.04 -4.09 -2.55
CA ASP B 54 22.30 -3.39 -2.82
C ASP B 54 22.03 -1.97 -3.35
N LEU B 55 21.53 -1.10 -2.52
CA LEU B 55 21.18 0.24 -2.91
C LEU B 55 22.39 1.17 -2.81
N GLN B 56 22.50 1.99 -1.78
CA GLN B 56 23.69 2.79 -1.55
C GLN B 56 24.66 1.95 -0.71
N PRO B 57 25.93 2.26 -0.72
CA PRO B 57 26.83 1.50 0.10
C PRO B 57 26.43 1.42 1.57
N ASP B 58 25.99 2.52 2.16
CA ASP B 58 25.62 2.50 3.57
C ASP B 58 24.49 1.54 3.88
N ASN B 59 23.55 1.38 2.97
CA ASN B 59 22.42 0.54 3.23
C ASN B 59 22.44 -0.80 2.48
N SER B 60 23.57 -1.10 1.83
CA SER B 60 23.69 -2.31 1.06
C SER B 60 23.83 -3.54 1.95
N MET B 61 22.97 -4.54 1.75
CA MET B 61 23.07 -5.76 2.49
C MET B 61 24.22 -6.66 1.98
N VAL B 62 24.36 -6.71 0.67
CA VAL B 62 25.44 -7.43 0.06
C VAL B 62 26.78 -6.88 0.57
N ARG B 63 26.96 -5.57 0.51
CA ARG B 63 28.23 -4.97 0.90
C ARG B 63 28.54 -5.31 2.37
N HIS B 64 27.54 -5.24 3.23
CA HIS B 64 27.74 -5.55 4.64
C HIS B 64 28.24 -6.99 4.79
N PHE B 65 27.57 -7.94 4.16
CA PHE B 65 27.95 -9.33 4.36
C PHE B 65 29.32 -9.66 3.76
N VAL B 66 29.66 -9.08 2.62
CA VAL B 66 30.99 -9.22 2.10
C VAL B 66 32.00 -8.69 3.14
N GLY B 67 31.66 -7.55 3.76
CA GLY B 67 32.55 -6.94 4.74
C GLY B 67 32.68 -7.69 6.03
N GLN B 68 31.75 -8.59 6.30
CA GLN B 68 31.79 -9.49 7.46
C GLN B 68 32.61 -10.75 7.15
N GLY B 69 33.10 -10.85 5.91
CA GLY B 69 33.90 -12.00 5.54
C GLY B 69 33.22 -13.10 4.79
N TYR B 70 31.99 -12.88 4.38
CA TYR B 70 31.29 -13.92 3.64
C TYR B 70 31.70 -13.86 2.15
N ARG B 71 31.74 -15.04 1.56
CA ARG B 71 31.95 -15.22 0.12
C ARG B 71 30.58 -15.16 -0.52
N VAL B 72 30.14 -13.98 -0.90
CA VAL B 72 28.79 -13.74 -1.37
C VAL B 72 28.68 -13.94 -2.87
N PHE B 73 27.66 -14.69 -3.28
CA PHE B 73 27.23 -14.84 -4.63
C PHE B 73 25.75 -14.49 -4.68
N LEU B 74 25.33 -13.81 -5.76
CA LEU B 74 23.96 -13.36 -5.86
C LEU B 74 23.36 -13.68 -7.21
N VAL B 75 22.13 -14.18 -7.17
CA VAL B 75 21.35 -14.46 -8.38
C VAL B 75 20.66 -13.23 -8.90
N SER B 76 21.04 -12.78 -10.09
CA SER B 76 20.37 -11.67 -10.76
C SER B 76 19.45 -12.23 -11.86
N TRP B 77 18.14 -12.16 -11.63
CA TRP B 77 17.18 -12.78 -12.51
C TRP B 77 16.92 -11.99 -13.81
N ARG B 78 16.79 -12.72 -14.90
CA ARG B 78 16.53 -12.12 -16.23
C ARG B 78 15.05 -11.71 -16.27
N SER B 79 14.79 -10.45 -16.59
CA SER B 79 13.43 -9.98 -16.85
C SER B 79 12.90 -10.69 -18.10
N ALA B 80 11.65 -11.20 -18.03
CA ALA B 80 11.13 -12.10 -19.06
C ALA B 80 11.03 -11.43 -20.41
N VAL B 81 11.56 -12.10 -21.42
CA VAL B 81 11.48 -11.73 -22.86
C VAL B 81 10.85 -12.92 -23.60
N PRO B 82 10.49 -12.77 -24.89
CA PRO B 82 9.82 -13.84 -25.60
C PRO B 82 10.48 -15.20 -25.60
N GLU B 83 11.83 -15.26 -25.62
CA GLU B 83 12.50 -16.55 -25.58
C GLU B 83 12.27 -17.30 -24.24
N MET B 84 11.71 -16.62 -23.26
CA MET B 84 11.44 -17.19 -21.93
C MET B 84 9.96 -17.45 -21.71
N LYS B 85 9.14 -17.30 -22.75
CA LYS B 85 7.69 -17.27 -22.53
C LYS B 85 7.12 -18.60 -22.08
N ASN B 86 7.91 -19.68 -22.22
CA ASN B 86 7.47 -21.00 -21.73
C ASN B 86 8.10 -21.39 -20.38
N PHE B 87 8.87 -20.48 -19.78
CA PHE B 87 9.52 -20.83 -18.50
C PHE B 87 8.49 -21.04 -17.41
N THR B 88 8.78 -22.02 -16.57
CA THR B 88 7.91 -22.46 -15.51
C THR B 88 8.53 -22.21 -14.14
N TRP B 89 7.77 -22.46 -13.09
CA TRP B 89 8.36 -22.47 -11.74
C TRP B 89 9.55 -23.40 -11.69
N GLU B 90 9.45 -24.58 -12.28
CA GLU B 90 10.54 -25.53 -12.30
C GLU B 90 11.81 -24.94 -12.93
N THR B 91 11.66 -24.10 -13.95
CA THR B 91 12.80 -23.46 -14.56
C THR B 91 13.56 -22.65 -13.52
N TYR B 92 12.83 -21.98 -12.62
CA TYR B 92 13.45 -21.14 -11.62
C TYR B 92 14.23 -21.98 -10.62
N ILE B 93 13.78 -23.20 -10.36
CA ILE B 93 14.50 -24.13 -9.51
C ILE B 93 15.81 -24.59 -10.23
N GLU B 94 15.64 -25.07 -11.47
CA GLU B 94 16.73 -25.71 -12.18
C GLU B 94 17.74 -24.77 -12.76
N LYS B 95 17.27 -23.79 -13.54
CA LYS B 95 18.14 -22.84 -14.23
C LYS B 95 18.51 -21.66 -13.31
N GLY B 96 17.80 -21.55 -12.17
CA GLY B 96 18.02 -20.49 -11.21
C GLY B 96 18.81 -21.00 -10.02
N VAL B 97 18.13 -21.54 -9.05
CA VAL B 97 18.79 -21.90 -7.79
C VAL B 97 19.84 -22.98 -7.99
N PHE B 98 19.50 -24.08 -8.66
CA PHE B 98 20.49 -25.17 -8.80
C PHE B 98 21.64 -24.80 -9.69
N ALA B 99 21.38 -24.11 -10.81
CA ALA B 99 22.45 -23.68 -11.68
C ALA B 99 23.43 -22.76 -10.92
N ALA B 100 22.90 -21.83 -10.15
CA ALA B 100 23.72 -20.99 -9.33
C ALA B 100 24.56 -21.79 -8.34
N ALA B 101 23.91 -22.73 -7.65
CA ALA B 101 24.65 -23.53 -6.66
C ALA B 101 25.75 -24.38 -7.30
N GLU B 102 25.48 -24.92 -8.50
CA GLU B 102 26.51 -25.70 -9.21
C GLU B 102 27.69 -24.80 -9.52
N ALA B 103 27.44 -23.60 -10.02
CA ALA B 103 28.51 -22.68 -10.34
C ALA B 103 29.33 -22.31 -9.09
N VAL B 104 28.65 -22.09 -7.95
CA VAL B 104 29.32 -21.81 -6.71
C VAL B 104 30.24 -22.96 -6.31
N GLN B 105 29.75 -24.17 -6.40
CA GLN B 105 30.55 -25.36 -6.08
C GLN B 105 31.78 -25.41 -6.97
N LYS B 106 31.59 -25.17 -8.25
CA LYS B 106 32.69 -25.27 -9.19
C LYS B 106 33.76 -24.18 -9.08
N ILE B 107 33.33 -22.96 -8.75
CA ILE B 107 34.23 -21.85 -8.59
C ILE B 107 35.01 -21.96 -7.28
N THR B 108 34.29 -22.24 -6.18
CA THR B 108 34.90 -22.23 -4.86
C THR B 108 35.56 -23.53 -4.44
N LYS B 109 35.20 -24.60 -5.12
CA LYS B 109 35.58 -25.95 -4.75
C LYS B 109 35.04 -26.41 -3.40
N GLN B 110 34.02 -25.72 -2.90
CA GLN B 110 33.37 -26.09 -1.66
C GLN B 110 32.13 -26.91 -1.97
N PRO B 111 31.83 -27.95 -1.16
CA PRO B 111 30.72 -28.80 -1.56
C PRO B 111 29.37 -28.27 -1.25
N THR B 112 29.28 -27.30 -0.32
CA THR B 112 27.98 -26.76 0.11
C THR B 112 28.09 -25.28 0.33
N MET B 113 26.94 -24.65 0.53
CA MET B 113 26.83 -23.24 0.79
C MET B 113 25.68 -22.99 1.71
N ASN B 114 25.60 -21.81 2.32
CA ASN B 114 24.42 -21.34 3.00
C ASN B 114 23.60 -20.48 2.05
N ALA B 115 22.27 -20.54 2.17
CA ALA B 115 21.40 -19.84 1.25
C ALA B 115 20.49 -18.86 1.98
N LEU B 116 20.25 -17.71 1.35
CA LEU B 116 19.30 -16.73 1.76
C LEU B 116 18.30 -16.50 0.64
N GLY B 117 17.01 -16.54 0.93
CA GLY B 117 15.97 -16.22 -0.02
C GLY B 117 15.07 -15.12 0.48
N PHE B 118 14.90 -14.08 -0.34
CA PHE B 118 14.16 -12.87 0.00
C PHE B 118 12.86 -12.80 -0.81
N CYS B 119 11.71 -12.65 -0.14
CA CYS B 119 10.43 -12.48 -0.82
C CYS B 119 10.16 -13.74 -1.66
N VAL B 120 9.73 -13.61 -2.93
CA VAL B 120 9.47 -14.83 -3.72
C VAL B 120 10.74 -15.64 -3.93
N GLY B 121 11.94 -15.04 -3.85
CA GLY B 121 13.14 -15.82 -3.84
C GLY B 121 13.16 -16.88 -2.75
N GLY B 122 12.59 -16.55 -1.58
CA GLY B 122 12.48 -17.50 -0.48
C GLY B 122 11.56 -18.63 -0.82
N VAL B 123 10.49 -18.37 -1.57
CA VAL B 123 9.56 -19.42 -1.96
C VAL B 123 10.19 -20.35 -2.96
N ILE B 124 10.88 -19.79 -3.94
CA ILE B 124 11.61 -20.59 -4.89
C ILE B 124 12.64 -21.45 -4.17
N LEU B 125 13.36 -20.84 -3.22
CA LEU B 125 14.30 -21.58 -2.43
C LEU B 125 13.66 -22.71 -1.63
N THR B 126 12.54 -22.45 -0.98
CA THR B 126 11.85 -23.48 -0.23
C THR B 126 11.59 -24.70 -1.14
N THR B 127 11.04 -24.45 -2.33
CA THR B 127 10.68 -25.56 -3.20
C THR B 127 11.96 -26.28 -3.69
N ALA B 128 13.01 -25.54 -3.95
CA ALA B 128 14.32 -26.11 -4.37
C ALA B 128 14.88 -27.00 -3.29
N LEU B 129 14.72 -26.58 -2.04
CA LEU B 129 15.20 -27.42 -0.92
C LEU B 129 14.47 -28.77 -0.89
N CYS B 130 13.17 -28.78 -1.18
CA CYS B 130 12.44 -30.01 -1.21
C CYS B 130 12.93 -30.93 -2.33
N VAL B 131 13.14 -30.36 -3.52
CA VAL B 131 13.61 -31.13 -4.65
C VAL B 131 14.96 -31.72 -4.35
N ALA B 132 15.86 -30.87 -3.83
CA ALA B 132 17.23 -31.32 -3.52
C ALA B 132 17.21 -32.46 -2.46
N GLN B 133 16.43 -32.31 -1.41
CA GLN B 133 16.36 -33.31 -0.38
C GLN B 133 15.91 -34.65 -0.96
N ALA B 134 14.90 -34.63 -1.81
CA ALA B 134 14.29 -35.84 -2.33
C ALA B 134 15.25 -36.56 -3.26
N LYS B 135 16.11 -35.80 -3.95
CA LYS B 135 17.09 -36.37 -4.88
C LYS B 135 18.46 -36.58 -4.30
N GLY B 136 18.63 -36.33 -3.02
CA GLY B 136 19.91 -36.55 -2.40
C GLY B 136 21.01 -35.61 -2.86
N LEU B 137 20.62 -34.37 -3.23
CA LEU B 137 21.55 -33.39 -3.68
C LEU B 137 21.81 -32.54 -2.47
N LYS B 138 23.03 -32.39 -2.10
CA LYS B 138 23.39 -31.59 -0.95
C LYS B 138 24.08 -30.34 -1.43
N TYR B 139 23.31 -29.33 -1.71
CA TYR B 139 23.83 -28.00 -2.03
C TYR B 139 23.93 -27.09 -0.82
N PHE B 140 23.00 -27.22 0.11
CA PHE B 140 22.81 -26.25 1.15
C PHE B 140 22.93 -26.81 2.54
N ASP B 141 23.67 -26.13 3.36
CA ASP B 141 23.84 -26.50 4.76
C ASP B 141 22.86 -25.78 5.72
N SER B 142 22.26 -24.69 5.25
CA SER B 142 21.26 -23.95 5.97
C SER B 142 20.46 -23.11 5.04
N ALA B 143 19.29 -22.67 5.47
CA ALA B 143 18.42 -21.82 4.66
C ALA B 143 17.86 -20.72 5.50
N THR B 144 17.86 -19.51 4.94
CA THR B 144 17.30 -18.33 5.59
C THR B 144 16.21 -17.75 4.72
N PHE B 145 15.04 -17.53 5.32
CA PHE B 145 13.87 -16.97 4.65
C PHE B 145 13.61 -15.57 5.16
N MET B 146 13.79 -14.60 4.29
CA MET B 146 13.67 -13.21 4.64
C MET B 146 12.39 -12.69 4.02
N THR B 147 11.46 -12.29 4.85
CA THR B 147 10.12 -11.79 4.45
C THR B 147 9.55 -12.61 3.31
N SER B 148 9.41 -13.89 3.57
CA SER B 148 8.88 -14.80 2.57
C SER B 148 7.82 -15.74 3.14
N LEU B 149 6.77 -16.01 2.39
CA LEU B 149 5.76 -16.88 2.88
C LEU B 149 6.05 -18.33 2.55
N ILE B 150 5.60 -19.20 3.43
CA ILE B 150 5.52 -20.61 3.18
C ILE B 150 4.03 -20.98 3.27
N ASP B 151 3.44 -20.76 4.44
CA ASP B 151 1.99 -20.77 4.58
C ASP B 151 1.44 -19.47 4.00
N HIS B 152 0.68 -19.60 2.91
CA HIS B 152 0.11 -18.50 2.20
C HIS B 152 -1.37 -18.29 2.55
N ALA B 153 -1.85 -18.85 3.65
CA ALA B 153 -3.25 -18.72 4.04
C ALA B 153 -3.69 -17.26 4.24
N GLU B 154 -2.78 -16.40 4.69
CA GLU B 154 -3.07 -15.00 4.94
C GLU B 154 -2.02 -14.16 4.20
N PRO B 155 -2.18 -13.96 2.88
CA PRO B 155 -1.17 -13.32 2.07
C PRO B 155 -1.35 -11.81 2.03
N GLY B 156 -2.30 -11.31 2.83
CA GLY B 156 -2.54 -9.88 2.83
C GLY B 156 -3.37 -9.41 1.68
N GLU B 157 -3.22 -8.14 1.34
CA GLU B 157 -4.12 -7.50 0.38
C GLU B 157 -4.09 -8.07 -1.03
N ILE B 158 -3.01 -8.79 -1.37
CA ILE B 158 -2.91 -9.33 -2.69
C ILE B 158 -4.13 -10.26 -2.99
N SER B 159 -4.69 -10.92 -1.94
CA SER B 159 -5.81 -11.79 -2.10
C SER B 159 -6.96 -11.10 -2.86
N PHE B 160 -7.15 -9.80 -2.65
CA PHE B 160 -8.24 -9.06 -3.25
C PHE B 160 -7.99 -8.73 -4.70
N PHE B 161 -6.77 -8.88 -5.16
CA PHE B 161 -6.34 -8.43 -6.49
C PHE B 161 -5.89 -9.60 -7.37
N ILE B 162 -6.24 -10.80 -7.01
CA ILE B 162 -6.05 -11.93 -7.91
C ILE B 162 -7.39 -12.31 -8.51
N ASP B 163 -7.45 -12.29 -9.84
CA ASP B 163 -8.69 -12.60 -10.52
C ASP B 163 -8.58 -14.08 -10.91
N GLU B 164 -9.32 -14.91 -10.16
CA GLU B 164 -9.23 -16.34 -10.38
C GLU B 164 -9.61 -16.71 -11.86
N ALA B 165 -10.62 -16.03 -12.41
CA ALA B 165 -11.04 -16.31 -13.77
C ALA B 165 -9.92 -16.09 -14.77
N LEU B 166 -9.10 -15.08 -14.51
CA LEU B 166 -7.98 -14.78 -15.43
C LEU B 166 -6.90 -15.85 -15.28
N VAL B 167 -6.67 -16.23 -14.03
CA VAL B 167 -5.69 -17.34 -13.78
C VAL B 167 -6.15 -18.59 -14.53
N ALA B 168 -7.44 -18.91 -14.40
CA ALA B 168 -7.97 -20.07 -15.09
C ALA B 168 -7.89 -20.02 -16.62
N SER B 169 -8.18 -18.87 -17.18
CA SER B 169 -8.07 -18.73 -18.65
C SER B 169 -6.61 -18.93 -19.12
N ARG B 170 -5.65 -18.46 -18.32
CA ARG B 170 -4.23 -18.63 -18.65
C ARG B 170 -3.80 -20.10 -18.52
N GLU B 171 -4.34 -20.78 -17.52
CA GLU B 171 -4.10 -22.22 -17.37
C GLU B 171 -4.55 -23.04 -18.54
N ALA B 172 -5.66 -22.61 -19.11
CA ALA B 172 -6.23 -23.26 -20.26
C ALA B 172 -5.32 -23.11 -21.52
N LYS B 173 -4.52 -22.07 -21.56
CA LYS B 173 -3.62 -21.77 -22.66
C LYS B 173 -2.15 -21.82 -22.27
N MET B 174 -1.82 -22.58 -21.27
CA MET B 174 -0.48 -22.65 -20.71
C MET B 174 0.65 -23.10 -21.65
N ALA B 175 0.38 -24.10 -22.46
CA ALA B 175 1.28 -24.63 -23.53
C ALA B 175 1.86 -23.52 -24.44
N ALA B 176 1.05 -22.52 -24.79
CA ALA B 176 1.48 -21.37 -25.57
C ALA B 176 2.38 -20.43 -24.85
N GLY B 177 2.37 -20.46 -23.54
CA GLY B 177 3.17 -19.58 -22.76
C GLY B 177 2.77 -18.08 -22.84
N GLY B 178 3.66 -17.19 -22.45
CA GLY B 178 3.41 -15.80 -22.53
C GLY B 178 4.26 -14.97 -21.56
N ILE B 179 3.98 -13.66 -21.54
CA ILE B 179 4.67 -12.72 -20.66
C ILE B 179 3.67 -11.94 -19.85
N ILE B 180 3.94 -11.86 -18.55
CA ILE B 180 3.15 -11.04 -17.61
C ILE B 180 3.92 -9.73 -17.40
N SER B 181 3.30 -8.60 -17.71
CA SER B 181 3.93 -7.33 -17.67
C SER B 181 4.21 -6.83 -16.26
N GLY B 182 5.24 -6.02 -16.15
CA GLY B 182 5.53 -5.27 -14.92
C GLY B 182 4.35 -4.47 -14.42
N LYS B 183 3.56 -3.91 -15.35
CA LYS B 183 2.40 -3.14 -14.99
C LYS B 183 1.40 -4.02 -14.21
N GLU B 184 1.11 -5.19 -14.76
CA GLU B 184 0.17 -6.09 -14.11
C GLU B 184 0.72 -6.50 -12.76
N ILE B 185 2.01 -6.84 -12.74
CA ILE B 185 2.65 -7.22 -11.48
C ILE B 185 2.53 -6.13 -10.41
N GLY B 186 2.68 -4.87 -10.80
CA GLY B 186 2.61 -3.75 -9.85
C GLY B 186 1.19 -3.47 -9.36
N ARG B 187 0.17 -3.99 -10.05
CA ARG B 187 -1.25 -3.82 -9.64
C ARG B 187 -1.70 -4.87 -8.61
N THR B 188 -0.91 -5.91 -8.43
CA THR B 188 -1.26 -6.98 -7.54
C THR B 188 -0.27 -7.07 -6.38
N PHE B 189 0.99 -6.87 -6.71
CA PHE B 189 2.02 -6.79 -5.77
C PHE B 189 2.38 -5.29 -5.63
N ALA B 190 2.56 -4.84 -4.47
CA ALA B 190 3.05 -3.49 -4.20
C ALA B 190 4.01 -3.58 -3.06
N SER B 191 5.30 -3.33 -3.31
CA SER B 191 6.31 -3.38 -2.21
C SER B 191 6.39 -2.16 -1.35
N LEU B 192 5.86 -1.03 -1.84
CA LEU B 192 5.92 0.22 -1.11
C LEU B 192 4.58 0.62 -0.47
N ARG B 193 4.67 1.36 0.67
CA ARG B 193 3.51 1.98 1.27
C ARG B 193 3.82 3.47 1.47
N ALA B 194 2.82 4.25 1.87
CA ALA B 194 2.98 5.69 2.00
C ALA B 194 4.15 6.09 2.88
N ASN B 195 4.42 5.30 3.94
CA ASN B 195 5.54 5.64 4.86
C ASN B 195 6.86 5.50 4.18
N ASP B 196 6.98 4.71 3.11
CA ASP B 196 8.23 4.61 2.32
C ASP B 196 8.38 5.78 1.37
N LEU B 197 7.34 6.61 1.24
CA LEU B 197 7.37 7.73 0.30
C LEU B 197 7.52 9.11 0.93
N VAL B 198 7.93 9.15 2.18
CA VAL B 198 8.10 10.39 2.83
C VAL B 198 9.16 11.26 2.12
N TRP B 199 8.83 12.54 1.95
CA TRP B 199 9.64 13.46 1.30
C TRP B 199 9.61 14.84 1.98
N ASN B 200 10.78 15.49 2.03
CA ASN B 200 10.95 16.86 2.60
C ASN B 200 11.71 17.90 1.75
N PRO B 212 18.89 11.01 -1.27
CA PRO B 212 18.02 10.49 -2.31
C PRO B 212 16.50 10.25 -1.89
N ALA B 213 16.20 9.80 -0.65
CA ALA B 213 14.85 9.42 -0.22
C ALA B 213 13.73 10.41 -0.54
N PRO B 214 12.59 9.90 -1.04
CA PRO B 214 12.34 8.47 -1.26
C PRO B 214 12.68 8.02 -2.70
N PHE B 215 13.46 8.80 -3.42
CA PHE B 215 13.59 8.60 -4.87
C PHE B 215 14.34 7.37 -5.29
N ASP B 216 15.33 6.95 -4.50
CA ASP B 216 16.01 5.67 -4.72
C ASP B 216 15.08 4.48 -4.69
N LEU B 217 14.21 4.44 -3.68
CA LEU B 217 13.18 3.40 -3.58
C LEU B 217 12.15 3.49 -4.68
N LEU B 218 11.68 4.67 -5.03
CA LEU B 218 10.77 4.84 -6.16
C LEU B 218 11.41 4.43 -7.43
N TYR B 219 12.66 4.73 -7.66
CA TYR B 219 13.31 4.25 -8.89
C TYR B 219 13.35 2.74 -8.92
N TRP B 220 13.75 2.12 -7.80
CA TRP B 220 13.76 0.67 -7.73
C TRP B 220 12.36 0.11 -8.00
N ASN B 221 11.35 0.68 -7.36
CA ASN B 221 9.98 0.19 -7.49
C ASN B 221 9.50 0.29 -8.94
N ASN B 222 9.82 1.40 -9.59
CA ASN B 222 9.36 1.65 -10.95
C ASN B 222 10.21 0.95 -12.02
N ASP B 223 11.36 0.39 -11.64
CA ASP B 223 12.25 -0.33 -12.53
C ASP B 223 11.75 -1.74 -12.66
N ALA B 224 10.58 -1.86 -13.30
CA ALA B 224 9.82 -3.07 -13.21
C ALA B 224 10.37 -4.21 -14.06
N VAL B 225 10.00 -5.40 -13.72
CA VAL B 225 10.35 -6.60 -14.47
C VAL B 225 9.11 -7.25 -15.04
N ASP B 226 9.28 -8.10 -16.08
CA ASP B 226 8.23 -8.94 -16.58
C ASP B 226 8.50 -10.37 -16.10
N LEU B 227 7.46 -11.22 -16.04
CA LEU B 227 7.63 -12.61 -15.63
C LEU B 227 7.04 -13.55 -16.71
N PRO B 228 7.58 -14.76 -16.82
CA PRO B 228 6.97 -15.74 -17.75
C PRO B 228 5.56 -16.12 -17.25
N LEU B 229 4.64 -16.24 -18.19
CA LEU B 229 3.27 -16.59 -17.90
C LEU B 229 3.13 -17.93 -17.13
N PRO B 230 3.83 -18.99 -17.56
CA PRO B 230 3.57 -20.21 -16.80
C PRO B 230 4.02 -20.16 -15.36
N MET B 231 5.19 -19.59 -15.14
CA MET B 231 5.71 -19.42 -13.77
C MET B 231 4.75 -18.60 -12.91
N HIS B 232 4.33 -17.46 -13.45
CA HIS B 232 3.53 -16.51 -12.66
C HIS B 232 2.16 -17.13 -12.40
N THR B 233 1.57 -17.80 -13.41
CA THR B 233 0.24 -18.41 -13.24
C THR B 233 0.24 -19.50 -12.18
N PHE B 234 1.28 -20.32 -12.23
CA PHE B 234 1.47 -21.37 -11.26
C PHE B 234 1.61 -20.78 -9.84
N MET B 235 2.39 -19.72 -9.72
CA MET B 235 2.61 -19.05 -8.44
C MET B 235 1.26 -18.62 -7.84
N LEU B 236 0.45 -17.95 -8.67
CA LEU B 236 -0.85 -17.49 -8.17
C LEU B 236 -1.77 -18.64 -7.79
N ARG B 237 -1.89 -19.61 -8.70
CA ARG B 237 -2.78 -20.73 -8.47
C ARG B 237 -2.37 -21.57 -7.26
N GLN B 238 -1.12 -21.95 -7.21
CA GLN B 238 -0.69 -22.99 -6.24
C GLN B 238 -0.33 -22.45 -4.92
N PHE B 239 0.27 -21.26 -4.82
CA PHE B 239 0.60 -20.71 -3.54
C PHE B 239 -0.47 -19.77 -3.01
N TYR B 240 -0.79 -18.72 -3.78
CA TYR B 240 -1.75 -17.74 -3.28
C TYR B 240 -3.16 -18.20 -3.21
N ILE B 241 -3.59 -19.04 -4.14
CA ILE B 241 -4.98 -19.57 -4.09
C ILE B 241 -5.04 -20.90 -3.34
N ASN B 242 -4.24 -21.88 -3.75
CA ASN B 242 -4.32 -23.22 -3.17
C ASN B 242 -3.57 -23.43 -1.87
N ASN B 243 -2.61 -22.59 -1.59
CA ASN B 243 -1.74 -22.70 -0.42
C ASN B 243 -1.12 -24.12 -0.36
N ALA B 244 -0.56 -24.55 -1.50
CA ALA B 244 -0.07 -25.89 -1.66
C ALA B 244 1.02 -26.35 -0.72
N LEU B 245 1.87 -25.43 -0.29
CA LEU B 245 3.05 -25.86 0.52
C LEU B 245 2.69 -26.46 1.86
N ILE B 246 1.56 -26.12 2.42
CA ILE B 246 1.20 -26.67 3.70
C ILE B 246 0.70 -28.13 3.62
N THR B 247 0.47 -28.66 2.40
CA THR B 247 -0.06 -30.01 2.20
C THR B 247 0.94 -30.87 1.47
N PRO B 248 1.39 -31.97 2.11
CA PRO B 248 2.36 -32.81 1.45
C PRO B 248 1.86 -33.32 0.11
N GLY B 249 2.68 -33.13 -0.92
CA GLY B 249 2.40 -33.66 -2.24
C GLY B 249 1.32 -32.94 -3.03
N ALA B 250 0.86 -31.78 -2.56
CA ALA B 250 -0.21 -31.07 -3.26
C ALA B 250 0.29 -30.55 -4.62
N ILE B 251 1.58 -30.25 -4.72
CA ILE B 251 2.22 -29.99 -6.00
C ILE B 251 3.44 -30.90 -6.21
N THR B 252 3.81 -31.05 -7.48
CA THR B 252 4.95 -31.81 -7.92
C THR B 252 5.83 -30.94 -8.76
N LEU B 253 7.12 -30.86 -8.42
CA LEU B 253 8.09 -30.04 -9.13
C LEU B 253 9.30 -30.90 -9.39
N CYS B 254 9.82 -30.87 -10.62
CA CYS B 254 11.03 -31.58 -10.91
C CYS B 254 10.94 -33.04 -10.62
N GLY B 255 9.77 -33.62 -10.79
CA GLY B 255 9.51 -35.02 -10.53
C GLY B 255 9.15 -35.34 -9.13
N VAL B 256 9.25 -34.35 -8.24
CA VAL B 256 9.16 -34.56 -6.78
C VAL B 256 7.89 -34.01 -6.14
N PRO B 257 7.11 -34.90 -5.46
CA PRO B 257 5.97 -34.37 -4.65
C PRO B 257 6.50 -33.51 -3.53
N ILE B 258 6.03 -32.30 -3.43
CA ILE B 258 6.64 -31.31 -2.52
C ILE B 258 6.06 -31.48 -1.14
N ASP B 259 6.95 -31.71 -0.17
CA ASP B 259 6.58 -31.93 1.23
C ASP B 259 7.59 -31.18 2.11
N ILE B 260 7.23 -29.99 2.57
CA ILE B 260 8.18 -29.18 3.27
C ILE B 260 8.60 -29.76 4.64
N SER B 261 7.90 -30.77 5.16
CA SER B 261 8.30 -31.45 6.34
C SER B 261 9.57 -32.28 6.16
N LYS B 262 10.01 -32.42 4.90
CA LYS B 262 11.23 -33.15 4.60
C LYS B 262 12.49 -32.32 4.65
N ILE B 263 12.35 -30.99 4.63
CA ILE B 263 13.48 -30.12 4.71
C ILE B 263 14.25 -30.42 6.04
N ASP B 264 15.57 -30.64 5.96
CA ASP B 264 16.32 -31.20 7.07
C ASP B 264 17.60 -30.50 7.39
N ILE B 265 17.61 -29.19 7.14
CA ILE B 265 18.73 -28.34 7.48
C ILE B 265 18.26 -27.22 8.40
N PRO B 266 19.19 -26.59 9.15
CA PRO B 266 18.80 -25.48 9.99
C PRO B 266 18.17 -24.33 9.21
N VAL B 267 17.11 -23.74 9.81
CA VAL B 267 16.37 -22.65 9.17
C VAL B 267 16.40 -21.41 10.07
N TYR B 268 16.55 -20.26 9.44
CA TYR B 268 16.35 -18.98 10.04
C TYR B 268 15.29 -18.24 9.28
N MET B 269 14.35 -17.63 9.98
CA MET B 269 13.24 -16.92 9.36
C MET B 269 13.18 -15.50 9.93
N PHE B 270 13.20 -14.50 9.06
CA PHE B 270 13.05 -13.13 9.41
C PHE B 270 11.74 -12.57 8.90
N ALA B 271 11.04 -11.81 9.74
CA ALA B 271 9.91 -10.99 9.34
C ALA B 271 10.00 -9.64 10.03
N ALA B 272 9.30 -8.66 9.47
CA ALA B 272 9.29 -7.31 9.99
C ALA B 272 7.91 -6.98 10.56
N ARG B 273 7.90 -6.40 11.75
CA ARG B 273 6.71 -6.24 12.54
C ARG B 273 5.61 -5.47 11.82
N GLU B 274 6.00 -4.39 11.15
CA GLU B 274 5.06 -3.52 10.47
C GLU B 274 4.97 -3.77 8.98
N ASP B 275 5.43 -4.97 8.55
CA ASP B 275 5.39 -5.32 7.17
C ASP B 275 3.96 -5.50 6.70
N HIS B 276 3.54 -4.73 5.68
CA HIS B 276 2.23 -4.85 5.11
C HIS B 276 2.15 -5.83 3.91
N ILE B 277 3.29 -6.27 3.42
CA ILE B 277 3.39 -7.15 2.28
C ILE B 277 3.38 -8.59 2.73
N VAL B 278 4.29 -8.90 3.66
CA VAL B 278 4.36 -10.23 4.28
C VAL B 278 4.06 -10.02 5.77
N LEU B 279 2.81 -10.28 6.17
CA LEU B 279 2.41 -10.06 7.54
C LEU B 279 3.32 -10.93 8.41
N TRP B 280 3.82 -10.41 9.51
CA TRP B 280 4.82 -11.17 10.23
C TRP B 280 4.25 -12.45 10.78
N SER B 281 2.98 -12.43 11.20
CA SER B 281 2.36 -13.62 11.72
C SER B 281 2.10 -14.66 10.63
N SER B 282 1.95 -14.21 9.40
CA SER B 282 1.82 -15.13 8.27
C SER B 282 3.13 -15.84 7.99
N ALA B 283 4.23 -15.08 8.05
CA ALA B 283 5.56 -15.71 7.92
C ALA B 283 5.74 -16.73 9.07
N TYR B 284 5.46 -16.30 10.27
CA TYR B 284 5.59 -17.13 11.46
C TYR B 284 4.84 -18.46 11.35
N SER B 285 3.65 -18.39 10.79
CA SER B 285 2.79 -19.55 10.59
C SER B 285 3.42 -20.69 9.82
N GLY B 286 4.38 -20.38 8.98
CA GLY B 286 5.07 -21.41 8.25
C GLY B 286 5.95 -22.32 9.07
N LEU B 287 6.49 -21.80 10.18
CA LEU B 287 7.48 -22.54 10.96
C LEU B 287 7.02 -23.92 11.38
N LYS B 288 5.74 -24.05 11.79
CA LYS B 288 5.29 -25.31 12.32
C LYS B 288 5.33 -26.42 11.26
N TYR B 289 5.34 -26.03 9.98
CA TYR B 289 5.34 -27.01 8.91
C TYR B 289 6.74 -27.55 8.60
N LEU B 290 7.77 -26.86 9.10
CA LEU B 290 9.16 -27.22 8.86
C LEU B 290 9.61 -28.21 9.94
N SER B 291 8.85 -29.28 10.05
CA SER B 291 8.98 -30.19 11.17
C SER B 291 10.13 -31.21 11.04
N GLY B 292 10.79 -31.23 9.90
CA GLY B 292 11.95 -32.10 9.67
C GLY B 292 13.29 -31.44 9.97
N THR B 293 13.27 -30.18 10.34
CA THR B 293 14.51 -29.41 10.51
C THR B 293 15.14 -29.68 11.86
N PRO B 294 16.47 -29.61 11.93
CA PRO B 294 17.14 -29.85 13.22
C PRO B 294 17.01 -28.63 14.15
N SER B 295 16.74 -27.48 13.59
CA SER B 295 16.56 -26.21 14.36
C SER B 295 15.85 -25.20 13.51
N ARG B 296 15.12 -24.32 14.18
CA ARG B 296 14.42 -23.21 13.58
C ARG B 296 14.64 -21.99 14.45
N ARG B 297 14.92 -20.86 13.83
CA ARG B 297 15.06 -19.55 14.51
C ARG B 297 14.13 -18.57 13.83
N PHE B 298 13.36 -17.81 14.61
CA PHE B 298 12.50 -16.73 14.11
C PHE B 298 13.01 -15.45 14.73
N VAL B 299 13.18 -14.42 13.90
CA VAL B 299 13.59 -13.12 14.36
C VAL B 299 12.68 -12.09 13.77
N LEU B 300 12.17 -11.18 14.60
CA LEU B 300 11.27 -10.13 14.21
C LEU B 300 11.95 -8.77 14.24
N GLY B 301 12.02 -8.11 13.12
CA GLY B 301 12.60 -6.77 13.05
C GLY B 301 11.58 -5.67 13.25
N ALA B 302 11.99 -4.55 13.79
CA ALA B 302 11.08 -3.40 13.85
C ALA B 302 10.82 -2.84 12.45
N SER B 303 9.71 -2.11 12.32
CA SER B 303 9.40 -1.33 11.13
C SER B 303 8.82 -2.15 9.98
N GLY B 304 8.72 -1.55 8.81
CA GLY B 304 7.98 -2.11 7.71
C GLY B 304 8.79 -2.96 6.77
N HIS B 305 8.16 -3.31 5.65
CA HIS B 305 8.73 -4.22 4.72
C HIS B 305 10.13 -3.81 4.25
N ILE B 306 10.29 -2.53 3.89
CA ILE B 306 11.54 -2.04 3.35
C ILE B 306 12.48 -1.65 4.49
N ALA B 307 12.03 -0.73 5.34
CA ALA B 307 12.91 -0.21 6.42
C ALA B 307 13.26 -1.28 7.42
N GLY B 308 12.40 -2.26 7.63
CA GLY B 308 12.70 -3.32 8.59
C GLY B 308 13.60 -4.39 8.02
N SER B 309 13.39 -4.75 6.76
CA SER B 309 14.24 -5.77 6.06
C SER B 309 15.64 -5.21 5.83
N ILE B 310 15.66 -4.05 5.20
CA ILE B 310 16.91 -3.41 4.81
C ILE B 310 17.24 -2.37 5.88
N ASN B 311 17.67 -2.89 7.03
CA ASN B 311 18.00 -2.08 8.18
C ASN B 311 19.47 -2.29 8.49
N PRO B 312 20.33 -1.39 8.00
CA PRO B 312 21.76 -1.69 7.99
C PRO B 312 22.45 -1.55 9.35
N VAL B 313 23.54 -2.26 9.50
CA VAL B 313 24.37 -2.17 10.71
C VAL B 313 25.22 -0.91 10.75
N THR B 314 25.53 -0.33 9.58
CA THR B 314 26.29 0.91 9.53
C THR B 314 25.67 2.01 10.41
N LYS B 315 24.36 2.16 10.35
CA LYS B 315 23.69 3.14 11.18
C LYS B 315 23.14 2.49 12.45
N ASP B 316 22.76 1.22 12.30
CA ASP B 316 22.37 0.35 13.41
C ASP B 316 21.17 0.91 14.26
N LYS B 317 20.18 1.38 13.49
CA LYS B 317 18.96 1.98 14.03
C LYS B 317 17.93 0.92 14.37
N ARG B 318 16.86 1.35 15.02
CA ARG B 318 15.74 0.48 15.28
C ARG B 318 16.09 -0.62 16.27
N ASN B 319 15.44 -1.79 16.15
CA ASN B 319 15.59 -2.90 17.06
C ASN B 319 15.12 -4.15 16.39
N TYR B 320 15.34 -5.28 17.07
CA TYR B 320 14.76 -6.54 16.68
C TYR B 320 14.41 -7.34 17.90
N TRP B 321 13.63 -8.39 17.75
CA TRP B 321 13.18 -9.20 18.86
C TRP B 321 13.58 -10.64 18.60
N THR B 322 13.98 -11.32 19.67
CA THR B 322 14.33 -12.73 19.63
C THR B 322 13.55 -13.51 20.71
N ASN B 323 13.31 -14.79 20.44
CA ASN B 323 12.71 -15.71 21.40
C ASN B 323 12.94 -17.09 20.83
N GLU B 324 13.72 -17.86 21.54
CA GLU B 324 14.02 -19.23 21.18
C GLU B 324 12.83 -20.15 21.17
N GLN B 325 11.81 -19.85 21.98
CA GLN B 325 10.60 -20.68 21.97
C GLN B 325 9.81 -20.40 20.70
N LEU B 326 9.11 -21.41 20.23
CA LEU B 326 8.31 -21.33 19.02
C LEU B 326 6.90 -21.85 19.25
N PRO B 327 6.13 -21.13 20.07
CA PRO B 327 4.72 -21.50 20.26
C PRO B 327 3.89 -21.39 18.98
N VAL B 328 2.77 -22.11 18.86
CA VAL B 328 1.90 -21.95 17.73
C VAL B 328 1.38 -20.53 17.58
N ASN B 329 1.01 -19.88 18.68
CA ASN B 329 0.43 -18.52 18.65
C ASN B 329 1.54 -17.44 18.54
N PRO B 330 1.57 -16.71 17.45
CA PRO B 330 2.60 -15.66 17.31
C PRO B 330 2.51 -14.60 18.42
N GLU B 331 1.31 -14.30 18.96
CA GLU B 331 1.22 -13.30 20.03
C GLU B 331 1.98 -13.76 21.28
N GLU B 332 1.98 -15.06 21.52
CA GLU B 332 2.75 -15.67 22.60
C GLU B 332 4.24 -15.56 22.33
N TRP B 333 4.67 -15.76 21.08
CA TRP B 333 6.05 -15.57 20.75
C TRP B 333 6.49 -14.16 21.11
N LEU B 334 5.71 -13.16 20.66
CA LEU B 334 6.09 -11.80 20.91
C LEU B 334 6.03 -11.46 22.37
N GLU B 335 5.03 -11.91 23.09
CA GLU B 335 4.95 -11.63 24.50
C GLU B 335 6.16 -12.17 25.31
N GLY B 336 6.78 -13.26 24.83
CA GLY B 336 7.97 -13.81 25.45
C GLY B 336 9.30 -13.34 24.86
N ALA B 337 9.25 -12.42 23.91
CA ALA B 337 10.47 -11.99 23.22
C ALA B 337 11.30 -10.95 23.95
N GLN B 338 12.57 -10.94 23.64
CA GLN B 338 13.49 -9.96 24.14
C GLN B 338 13.85 -8.98 23.00
N SER B 339 13.80 -7.68 23.28
CA SER B 339 14.19 -6.66 22.32
C SER B 339 15.70 -6.42 22.40
N HIS B 340 16.30 -6.19 21.26
CA HIS B 340 17.73 -5.85 21.15
C HIS B 340 17.87 -4.64 20.23
N PRO B 341 18.71 -3.70 20.63
CA PRO B 341 18.87 -2.54 19.76
C PRO B 341 19.56 -2.86 18.46
N GLY B 342 19.17 -2.11 17.45
CA GLY B 342 19.81 -2.12 16.16
C GLY B 342 19.34 -3.15 15.17
N SER B 343 20.22 -3.46 14.25
CA SER B 343 19.92 -4.28 13.10
C SER B 343 19.92 -5.77 13.30
N TRP B 344 18.86 -6.42 12.84
CA TRP B 344 18.76 -7.89 12.91
C TRP B 344 19.89 -8.58 12.10
N TRP B 345 20.51 -7.85 11.16
CA TRP B 345 21.62 -8.43 10.39
C TRP B 345 22.70 -8.96 11.32
N LYS B 346 22.86 -8.31 12.48
CA LYS B 346 23.87 -8.72 13.46
C LYS B 346 23.53 -10.12 14.01
N ASP B 347 22.27 -10.33 14.28
CA ASP B 347 21.80 -11.60 14.78
C ASP B 347 21.94 -12.69 13.72
N TRP B 348 21.59 -12.40 12.47
CA TRP B 348 21.71 -13.34 11.41
C TRP B 348 23.19 -13.74 11.23
N ASP B 349 24.06 -12.76 11.22
CA ASP B 349 25.52 -12.97 11.14
C ASP B 349 25.94 -13.93 12.26
N ALA B 350 25.51 -13.70 13.48
CA ALA B 350 25.92 -14.55 14.61
C ALA B 350 25.40 -15.96 14.41
N TRP B 351 24.25 -16.14 13.77
CA TRP B 351 23.69 -17.49 13.53
C TRP B 351 24.43 -18.17 12.39
N LEU B 352 24.78 -17.40 11.38
CA LEU B 352 25.40 -17.91 10.15
C LEU B 352 26.86 -18.25 10.33
N ALA B 353 27.61 -17.42 11.07
CA ALA B 353 29.04 -17.55 11.11
C ALA B 353 29.53 -18.93 11.59
N PRO B 354 28.93 -19.50 12.64
CA PRO B 354 29.38 -20.84 13.05
C PRO B 354 29.10 -21.96 12.06
N GLN B 355 28.25 -21.65 11.08
CA GLN B 355 27.88 -22.59 10.03
C GLN B 355 28.67 -22.32 8.75
N SER B 356 29.66 -21.43 8.83
CA SER B 356 30.33 -20.94 7.63
C SER B 356 31.78 -21.40 7.48
N GLY B 357 32.16 -22.42 8.25
CA GLY B 357 33.48 -22.97 8.14
C GLY B 357 34.59 -22.13 8.77
N LYS B 358 35.82 -22.51 8.48
CA LYS B 358 36.99 -21.86 9.04
C LYS B 358 37.33 -20.64 8.21
N GLN B 359 38.25 -19.79 8.70
CA GLN B 359 38.74 -18.68 7.92
C GLN B 359 39.83 -19.20 6.96
N VAL B 360 39.79 -18.69 5.74
CA VAL B 360 40.79 -18.96 4.73
C VAL B 360 41.18 -17.60 4.10
N PRO B 361 42.35 -17.55 3.44
CA PRO B 361 42.70 -16.31 2.75
C PRO B 361 41.65 -15.95 1.72
N ALA B 362 41.36 -14.67 1.56
CA ALA B 362 40.46 -14.20 0.52
C ALA B 362 40.96 -14.65 -0.86
N PRO B 363 40.06 -15.15 -1.71
CA PRO B 363 40.45 -15.45 -3.09
C PRO B 363 41.01 -14.23 -3.78
N LYS B 364 42.02 -14.41 -4.59
CA LYS B 364 42.67 -13.30 -5.25
C LYS B 364 42.05 -12.98 -6.61
N MET B 365 41.22 -13.87 -7.13
CA MET B 365 40.61 -13.67 -8.42
C MET B 365 39.11 -13.94 -8.29
N LEU B 366 38.32 -13.33 -9.16
CA LEU B 366 36.89 -13.63 -9.25
C LEU B 366 36.73 -14.76 -10.26
N GLY B 367 35.73 -15.59 -10.09
CA GLY B 367 35.49 -16.70 -10.94
C GLY B 367 36.59 -17.76 -10.85
N SER B 368 36.86 -18.38 -12.00
CA SER B 368 37.85 -19.43 -12.11
C SER B 368 38.23 -19.55 -13.59
N LYS B 369 39.19 -20.44 -13.90
CA LYS B 369 39.55 -20.65 -15.26
C LYS B 369 38.35 -21.07 -16.09
N GLU B 370 37.53 -21.95 -15.52
CA GLU B 370 36.36 -22.49 -16.24
C GLU B 370 35.21 -21.49 -16.27
N PHE B 371 35.16 -20.60 -15.28
CA PHE B 371 34.15 -19.54 -15.16
C PHE B 371 34.82 -18.20 -15.06
N PRO B 372 35.33 -17.72 -16.19
CA PRO B 372 35.98 -16.43 -16.12
C PRO B 372 34.99 -15.29 -15.86
N PRO B 373 35.46 -14.18 -15.26
CA PRO B 373 34.62 -13.02 -15.14
C PRO B 373 34.13 -12.57 -16.54
N LEU B 374 32.82 -12.31 -16.64
CA LEU B 374 32.16 -11.97 -17.88
C LEU B 374 31.99 -10.44 -18.06
N GLN B 375 31.61 -9.73 -16.97
CA GLN B 375 31.51 -8.26 -16.98
C GLN B 375 31.39 -7.84 -15.56
N PRO B 376 31.69 -6.58 -15.27
CA PRO B 376 31.55 -6.13 -13.90
C PRO B 376 30.11 -6.19 -13.40
N ALA B 377 29.97 -6.40 -12.09
CA ALA B 377 28.71 -6.22 -11.41
C ALA B 377 28.30 -4.75 -11.59
N PRO B 378 26.99 -4.47 -11.72
CA PRO B 378 25.91 -5.40 -11.46
C PRO B 378 25.39 -6.21 -12.66
N GLY B 379 26.08 -6.14 -13.78
CA GLY B 379 25.76 -7.01 -14.89
C GLY B 379 24.78 -6.42 -15.85
N SER B 380 24.35 -7.23 -16.82
CA SER B 380 23.43 -6.81 -17.88
C SER B 380 21.97 -7.06 -17.60
N TYR B 381 21.63 -8.17 -16.90
CA TYR B 381 20.23 -8.52 -16.73
C TYR B 381 19.52 -7.47 -15.89
N VAL B 382 20.20 -6.94 -14.87
CA VAL B 382 19.61 -5.96 -13.99
C VAL B 382 19.35 -4.65 -14.72
N LEU B 383 20.12 -4.40 -15.79
CA LEU B 383 19.97 -3.18 -16.57
C LEU B 383 18.83 -3.18 -17.59
N ALA B 384 18.25 -4.36 -17.82
CA ALA B 384 17.19 -4.53 -18.82
C ALA B 384 15.95 -3.75 -18.34
N LYS B 385 15.23 -3.18 -19.27
CA LYS B 385 14.02 -2.51 -18.95
C LYS B 385 12.84 -3.37 -19.39
N ALA B 386 11.71 -3.19 -18.73
CA ALA B 386 10.54 -3.96 -19.05
C ALA B 386 10.13 -3.79 -20.52
N MET B 387 9.44 -4.78 -21.04
CA MET B 387 9.00 -4.77 -22.42
C MET B 387 8.02 -3.64 -22.61
N PRO B 388 7.89 -3.16 -23.87
CA PRO B 388 6.89 -2.14 -24.09
C PRO B 388 5.46 -2.63 -23.93
N PRO B 389 4.55 -1.68 -23.70
CA PRO B 389 3.12 -1.98 -23.57
C PRO B 389 2.58 -2.78 -24.79
N VAL B 390 1.67 -3.73 -24.56
CA VAL B 390 0.97 -4.50 -25.61
C VAL B 390 -0.45 -4.89 -25.18
#